data_3TS3
#
_entry.id   3TS3
#
_cell.length_a   44.487
_cell.length_b   127.878
_cell.length_c   71.007
_cell.angle_alpha   90.000
_cell.angle_beta   104.490
_cell.angle_gamma   90.000
#
_symmetry.space_group_name_H-M   'P 1 21 1'
#
loop_
_entity.id
_entity.type
_entity.pdbx_description
1 polymer 'Capsid polyprotein'
2 non-polymer 'SULFATE ION'
3 water water
#
_entity_poly.entity_id   1
_entity_poly.type   'polypeptide(L)'
_entity_poly.pdbx_seq_one_letter_code
;SIYLPLPQADDQYTPYFVYNFQGERVSTTETGVFCLAAIPAATTSSRYNNQITIPSIGYRNASGTGTLFLLDAASWWNIL
DVTQTGVLFGQPRLGVGVMQTMKTLKQHIKDYTEPAIQKYYPGTTNLDEQLKQRLNLAEGDPVISMGDTNGRRAALFYRT
SDEKYILFFSTTEDPGAQYQNLKMLYFWNWSYSDTKQQFLDHLRTVQF
;
_entity_poly.pdbx_strand_id   A,B,C,D
#
# COMPACT_ATOMS: atom_id res chain seq x y z
N SER A 1 25.82 -16.89 -8.89
CA SER A 1 26.49 -17.72 -9.89
C SER A 1 27.11 -18.95 -9.22
N ILE A 2 27.57 -18.77 -7.98
CA ILE A 2 28.17 -19.86 -7.22
C ILE A 2 27.15 -20.35 -6.19
N TYR A 3 26.68 -21.58 -6.36
CA TYR A 3 25.68 -22.16 -5.48
C TYR A 3 26.13 -23.43 -4.73
N LEU A 4 27.32 -23.93 -5.01
CA LEU A 4 27.86 -25.11 -4.33
C LEU A 4 29.12 -24.76 -3.55
N PRO A 5 29.26 -25.27 -2.33
CA PRO A 5 28.29 -26.13 -1.67
C PRO A 5 27.00 -25.38 -1.36
N LEU A 6 25.89 -26.11 -1.36
CA LEU A 6 24.57 -25.50 -1.23
C LEU A 6 24.35 -24.67 0.03
N PRO A 7 24.96 -25.04 1.15
CA PRO A 7 24.70 -24.27 2.36
C PRO A 7 25.09 -22.80 2.19
N GLN A 8 26.08 -22.56 1.34
CA GLN A 8 26.59 -21.22 1.12
C GLN A 8 25.84 -20.37 0.09
N ALA A 9 24.99 -21.01 -0.70
CA ALA A 9 24.35 -20.29 -1.79
C ALA A 9 23.50 -19.11 -1.34
N ASP A 10 23.49 -18.07 -2.16
CA ASP A 10 22.63 -16.91 -1.92
C ASP A 10 21.19 -17.36 -2.12
N ASP A 11 20.28 -16.72 -1.41
CA ASP A 11 18.88 -17.07 -1.48
C ASP A 11 18.39 -16.81 -2.89
N GLN A 12 17.40 -17.59 -3.31
CA GLN A 12 16.77 -17.40 -4.61
C GLN A 12 15.27 -17.45 -4.39
N TYR A 13 14.54 -16.63 -5.12
CA TYR A 13 13.10 -16.70 -5.06
C TYR A 13 12.66 -18.06 -5.62
N THR A 14 11.80 -18.75 -4.89
CA THR A 14 11.15 -19.94 -5.42
C THR A 14 9.67 -19.66 -5.37
N PRO A 15 8.96 -20.00 -6.45
CA PRO A 15 7.56 -19.61 -6.60
C PRO A 15 6.53 -20.19 -5.61
N TYR A 16 6.69 -21.46 -5.26
CA TYR A 16 5.73 -22.14 -4.41
C TYR A 16 6.48 -23.15 -3.56
N PHE A 17 5.82 -23.73 -2.57
CA PHE A 17 6.47 -24.73 -1.71
C PHE A 17 6.90 -25.90 -2.60
N VAL A 18 6.00 -26.37 -3.45
CA VAL A 18 6.35 -27.35 -4.47
C VAL A 18 5.93 -26.79 -5.83
N TYR A 19 6.79 -26.89 -6.83
CA TYR A 19 6.50 -26.37 -8.16
C TYR A 19 7.07 -27.26 -9.26
N ASN A 20 6.57 -27.09 -10.47
CA ASN A 20 7.02 -27.89 -11.62
C ASN A 20 8.17 -27.29 -12.41
N PHE A 21 8.45 -27.89 -13.55
CA PHE A 21 9.61 -27.51 -14.37
C PHE A 21 9.56 -26.06 -14.80
N GLN A 22 8.37 -25.48 -14.88
CA GLN A 22 8.25 -24.08 -15.27
C GLN A 22 7.75 -23.13 -14.17
N GLY A 23 7.87 -23.55 -12.92
CA GLY A 23 7.50 -22.71 -11.81
C GLY A 23 6.04 -22.66 -11.43
N GLU A 24 5.23 -23.56 -11.99
CA GLU A 24 3.81 -23.62 -11.67
C GLU A 24 3.55 -24.39 -10.38
N ARG A 25 2.53 -23.96 -9.64
CA ARG A 25 2.24 -24.54 -8.34
C ARG A 25 1.80 -25.99 -8.38
N VAL A 26 2.29 -26.77 -7.43
CA VAL A 26 1.89 -28.15 -7.28
C VAL A 26 1.29 -28.32 -5.88
N SER A 27 0.09 -28.89 -5.80
CA SER A 27 -0.58 -29.04 -4.50
C SER A 27 0.15 -29.97 -3.53
N THR A 28 0.10 -29.65 -2.25
CA THR A 28 0.72 -30.48 -1.21
C THR A 28 -0.29 -31.33 -0.44
N THR A 29 -1.50 -31.46 -0.98
CA THR A 29 -2.53 -32.26 -0.33
C THR A 29 -2.19 -33.74 -0.23
N GLU A 30 -1.65 -34.29 -1.31
CA GLU A 30 -1.32 -35.70 -1.37
C GLU A 30 0.01 -36.09 -0.72
N THR A 31 0.07 -37.33 -0.29
CA THR A 31 1.28 -37.93 0.21
C THR A 31 2.34 -38.00 -0.89
N GLY A 32 3.59 -37.81 -0.51
CA GLY A 32 4.72 -37.97 -1.41
C GLY A 32 4.95 -36.93 -2.49
N VAL A 33 4.47 -35.73 -2.25
CA VAL A 33 4.68 -34.57 -3.13
CA VAL A 33 4.73 -34.63 -3.18
C VAL A 33 6.07 -33.89 -2.85
N PHE A 34 6.63 -34.11 -1.68
CA PHE A 34 8.00 -33.66 -1.44
C PHE A 34 8.77 -34.59 -0.53
N CYS A 35 10.09 -34.58 -0.72
CA CYS A 35 11.00 -35.43 0.01
C CYS A 35 12.07 -34.60 0.68
N LEU A 36 12.30 -34.85 1.96
CA LEU A 36 13.38 -34.20 2.67
C LEU A 36 14.62 -35.10 2.65
N ALA A 37 15.69 -34.57 2.07
CA ALA A 37 16.97 -35.25 2.05
C ALA A 37 17.94 -34.38 2.82
N ALA A 38 18.70 -34.98 3.74
CA ALA A 38 19.62 -34.21 4.54
C ALA A 38 20.71 -35.07 5.12
N ILE A 39 21.79 -34.42 5.55
CA ILE A 39 22.67 -34.97 6.57
CA ILE A 39 22.64 -34.93 6.58
C ILE A 39 22.28 -34.06 7.76
N PRO A 40 21.51 -34.60 8.71
CA PRO A 40 21.10 -33.85 9.89
C PRO A 40 22.29 -33.60 10.82
N ALA A 41 22.13 -32.61 11.67
CA ALA A 41 23.13 -32.29 12.65
C ALA A 41 22.57 -32.64 14.03
N ALA A 42 23.40 -33.27 14.84
CA ALA A 42 23.00 -33.70 16.15
C ALA A 42 23.93 -33.10 17.20
N THR A 43 23.39 -32.98 18.40
CA THR A 43 24.13 -32.54 19.57
C THR A 43 23.82 -33.55 20.67
N THR A 44 24.42 -33.34 21.83
CA THR A 44 24.25 -34.26 22.93
C THR A 44 22.79 -34.31 23.34
N SER A 45 22.12 -33.18 23.23
CA SER A 45 20.71 -33.05 23.57
C SER A 45 19.73 -33.63 22.53
N SER A 46 20.24 -34.05 21.38
CA SER A 46 19.40 -34.61 20.32
C SER A 46 18.70 -35.92 20.71
N ARG A 47 19.40 -36.73 21.49
CA ARG A 47 18.93 -38.06 21.84
C ARG A 47 18.27 -38.08 23.20
N TYR A 48 17.04 -38.60 23.25
CA TYR A 48 16.30 -38.75 24.50
C TYR A 48 15.75 -40.17 24.63
N ASN A 49 16.05 -40.83 25.75
CA ASN A 49 15.61 -42.18 25.99
C ASN A 49 14.51 -42.23 27.05
N ASN A 50 13.28 -42.44 26.61
CA ASN A 50 12.15 -42.71 27.49
C ASN A 50 11.04 -43.40 26.70
N GLN A 51 10.40 -44.40 27.28
CA GLN A 51 9.32 -45.07 26.58
C GLN A 51 8.04 -44.25 26.62
N ILE A 52 7.50 -43.95 25.43
CA ILE A 52 6.24 -43.25 25.33
C ILE A 52 5.34 -44.11 24.46
N THR A 53 4.21 -44.55 25.04
CA THR A 53 3.35 -45.52 24.45
CA THR A 53 3.35 -45.54 24.47
C THR A 53 2.24 -44.95 23.51
N ILE A 54 1.78 -43.73 23.74
CA ILE A 54 0.84 -43.13 22.80
C ILE A 54 1.27 -41.72 22.49
N PRO A 55 2.43 -41.59 21.85
CA PRO A 55 2.96 -40.29 21.46
C PRO A 55 2.11 -39.67 20.35
N SER A 56 1.95 -38.35 20.40
CA SER A 56 1.23 -37.64 19.36
C SER A 56 1.83 -36.26 19.12
N ILE A 57 1.61 -35.73 17.93
CA ILE A 57 1.99 -34.37 17.59
C ILE A 57 0.72 -33.58 17.39
N GLY A 58 0.55 -32.52 18.17
CA GLY A 58 -0.65 -31.71 18.09
C GLY A 58 -0.57 -30.54 17.12
N TYR A 59 -1.69 -30.21 16.51
CA TYR A 59 -1.78 -29.06 15.63
C TYR A 59 -3.18 -28.49 15.65
N ARG A 60 -3.32 -27.25 15.18
CA ARG A 60 -4.62 -26.58 15.18
C ARG A 60 -5.52 -27.05 14.04
N GLY A 66 -7.88 -27.90 18.50
CA GLY A 66 -6.82 -28.84 18.79
C GLY A 66 -7.04 -30.25 18.30
N THR A 67 -6.10 -30.74 17.49
CA THR A 67 -6.15 -32.09 16.94
C THR A 67 -4.74 -32.64 16.87
N LEU A 68 -4.57 -33.85 16.35
CA LEU A 68 -3.26 -34.47 16.39
C LEU A 68 -3.05 -35.56 15.36
N PHE A 69 -1.79 -35.92 15.16
CA PHE A 69 -1.44 -37.14 14.46
C PHE A 69 -0.58 -38.02 15.37
N LEU A 70 -0.89 -39.31 15.35
CA LEU A 70 -0.20 -40.29 16.17
C LEU A 70 1.15 -40.74 15.63
N LEU A 71 2.05 -41.08 16.55
CA LEU A 71 3.35 -41.63 16.22
C LEU A 71 3.44 -43.02 16.80
N ASP A 72 4.39 -43.81 16.32
CA ASP A 72 4.60 -45.15 16.86
C ASP A 72 5.17 -45.09 18.27
N ALA A 73 4.74 -46.03 19.11
CA ALA A 73 5.27 -46.10 20.46
C ALA A 73 6.75 -46.38 20.32
N ALA A 74 7.56 -45.70 21.12
CA ALA A 74 9.00 -45.84 21.04
C ALA A 74 9.69 -45.36 22.31
N SER A 75 10.97 -45.68 22.43
CA SER A 75 11.79 -45.31 23.58
CA SER A 75 11.76 -45.28 23.58
C SER A 75 12.99 -44.52 23.16
N TRP A 76 13.34 -44.47 21.88
CA TRP A 76 14.46 -43.62 21.47
C TRP A 76 13.99 -42.46 20.61
N TRP A 77 14.09 -41.26 21.15
CA TRP A 77 13.57 -40.05 20.51
C TRP A 77 14.70 -39.18 20.02
N ASN A 78 14.53 -38.64 18.82
CA ASN A 78 15.58 -37.87 18.21
C ASN A 78 15.12 -36.50 17.75
N ILE A 79 15.82 -35.47 18.19
CA ILE A 79 15.54 -34.11 17.77
C ILE A 79 16.75 -33.67 16.98
N LEU A 80 16.64 -33.74 15.66
CA LEU A 80 17.77 -33.44 14.78
C LEU A 80 17.56 -32.14 14.01
N ASP A 81 18.65 -31.48 13.70
CA ASP A 81 18.56 -30.22 12.99
C ASP A 81 18.96 -30.43 11.55
N VAL A 82 18.06 -30.11 10.63
CA VAL A 82 18.33 -30.28 9.22
C VAL A 82 18.55 -28.98 8.46
N THR A 83 18.77 -27.89 9.20
CA THR A 83 18.92 -26.59 8.56
C THR A 83 20.14 -26.48 7.64
N GLN A 84 21.27 -27.00 8.10
CA GLN A 84 22.52 -26.83 7.38
C GLN A 84 22.56 -27.47 5.99
N THR A 85 22.13 -28.72 5.86
CA THR A 85 22.21 -29.43 4.60
C THR A 85 20.89 -29.84 3.95
N GLY A 86 19.78 -29.62 4.65
CA GLY A 86 18.51 -30.09 4.15
C GLY A 86 18.05 -29.51 2.83
N VAL A 87 17.45 -30.36 2.02
CA VAL A 87 16.87 -29.96 0.74
C VAL A 87 15.56 -30.71 0.52
N LEU A 88 14.69 -30.16 -0.31
CA LEU A 88 13.46 -30.86 -0.68
C LEU A 88 13.49 -31.24 -2.16
N PHE A 89 13.29 -32.52 -2.43
CA PHE A 89 13.08 -33.02 -3.79
C PHE A 89 11.59 -33.00 -4.08
N GLY A 90 11.23 -32.68 -5.31
CA GLY A 90 9.86 -32.72 -5.76
C GLY A 90 9.37 -34.12 -6.13
N GLN A 91 8.06 -34.26 -6.19
CA GLN A 91 7.40 -35.53 -6.48
C GLN A 91 8.00 -36.12 -7.76
N PRO A 92 8.20 -37.43 -7.80
CA PRO A 92 8.96 -38.02 -8.89
C PRO A 92 8.40 -37.73 -10.28
N ARG A 93 7.08 -37.68 -10.42
CA ARG A 93 6.48 -37.47 -11.75
C ARG A 93 6.90 -36.12 -12.34
N LEU A 94 7.21 -35.17 -11.47
CA LEU A 94 7.63 -33.83 -11.87
C LEU A 94 8.96 -33.77 -12.60
N GLY A 95 9.89 -34.64 -12.24
CA GLY A 95 11.22 -34.60 -12.81
C GLY A 95 11.90 -33.28 -12.52
N VAL A 96 11.53 -32.69 -11.38
CA VAL A 96 12.02 -31.38 -10.99
C VAL A 96 13.27 -31.40 -10.09
N GLY A 97 13.51 -32.54 -9.44
CA GLY A 97 14.65 -32.69 -8.55
C GLY A 97 14.62 -31.79 -7.31
N VAL A 98 15.77 -31.30 -6.89
CA VAL A 98 15.83 -30.46 -5.71
C VAL A 98 15.26 -29.08 -6.05
N MET A 99 14.21 -28.68 -5.32
CA MET A 99 13.56 -27.48 -5.70
CA MET A 99 13.46 -27.52 -5.68
C MET A 99 13.44 -26.46 -4.54
N GLN A 100 13.90 -26.89 -3.37
CA GLN A 100 14.12 -25.96 -2.26
C GLN A 100 15.33 -26.37 -1.45
N THR A 101 15.98 -25.37 -0.88
CA THR A 101 16.92 -25.54 0.21
C THR A 101 16.13 -25.13 1.44
N MET A 102 16.70 -25.35 2.61
CA MET A 102 16.04 -24.91 3.81
C MET A 102 15.93 -23.39 3.81
N LYS A 103 16.93 -22.70 3.28
CA LYS A 103 16.87 -21.25 3.19
C LYS A 103 15.75 -20.73 2.27
N THR A 104 15.66 -21.28 1.07
CA THR A 104 14.58 -20.88 0.17
C THR A 104 13.20 -21.27 0.70
N LEU A 105 13.16 -22.36 1.43
CA LEU A 105 11.91 -22.88 1.99
C LEU A 105 11.29 -21.91 2.99
N LYS A 106 12.11 -21.02 3.53
CA LYS A 106 11.63 -20.05 4.51
C LYS A 106 10.59 -19.15 3.86
N GLN A 107 10.64 -19.04 2.55
CA GLN A 107 9.66 -18.26 1.81
C GLN A 107 8.26 -18.86 1.91
N HIS A 108 8.18 -20.17 2.13
CA HIS A 108 6.91 -20.88 2.10
C HIS A 108 6.52 -21.62 3.36
N ILE A 109 7.45 -21.72 4.30
CA ILE A 109 7.25 -22.54 5.50
C ILE A 109 6.15 -22.04 6.42
N LYS A 110 5.85 -20.75 6.32
CA LYS A 110 4.79 -20.14 7.12
C LYS A 110 3.53 -19.91 6.30
N ASP A 111 3.44 -20.57 5.15
CA ASP A 111 2.26 -20.47 4.30
C ASP A 111 1.27 -21.53 4.74
N TYR A 112 0.41 -21.17 5.68
CA TYR A 112 -0.55 -22.09 6.26
C TYR A 112 -1.68 -22.49 5.30
N THR A 113 -1.76 -21.82 4.16
CA THR A 113 -2.70 -22.22 3.10
C THR A 113 -2.26 -23.55 2.48
N GLU A 114 -0.99 -23.89 2.61
CA GLU A 114 -0.51 -25.15 2.06
C GLU A 114 -1.06 -26.24 2.94
N PRO A 115 -1.65 -27.26 2.33
CA PRO A 115 -2.27 -28.36 3.07
C PRO A 115 -1.28 -29.12 3.94
N ALA A 116 -0.04 -29.23 3.49
CA ALA A 116 0.98 -29.96 4.24
C ALA A 116 1.37 -29.31 5.57
N ILE A 117 1.22 -27.99 5.68
CA ILE A 117 1.69 -27.26 6.84
C ILE A 117 0.60 -26.95 7.84
N GLN A 118 0.86 -27.24 9.09
CA GLN A 118 -0.10 -27.00 10.16
C GLN A 118 0.55 -26.16 11.26
N LYS A 119 -0.27 -25.68 12.18
CA LYS A 119 0.21 -24.86 13.28
C LYS A 119 0.36 -25.73 14.51
N TYR A 120 1.56 -25.79 15.06
CA TYR A 120 1.84 -26.64 16.20
C TYR A 120 0.97 -26.25 17.40
N TYR A 121 0.39 -27.25 18.05
CA TYR A 121 -0.42 -27.04 19.25
C TYR A 121 0.10 -27.93 20.38
N PRO A 122 0.65 -27.32 21.41
CA PRO A 122 1.21 -28.07 22.55
C PRO A 122 0.18 -28.93 23.28
N GLY A 123 -1.06 -28.43 23.34
CA GLY A 123 -2.12 -29.05 24.11
C GLY A 123 -2.48 -30.46 23.72
N THR A 124 -2.40 -30.75 22.43
CA THR A 124 -2.69 -32.07 21.94
C THR A 124 -1.42 -32.82 21.58
N THR A 125 -0.28 -32.30 22.04
CA THR A 125 0.97 -32.97 21.78
C THR A 125 1.29 -33.80 23.00
N ASN A 126 1.16 -35.11 22.87
CA ASN A 126 1.43 -35.98 23.98
C ASN A 126 2.84 -36.57 23.91
N LEU A 127 3.74 -35.86 24.56
CA LEU A 127 5.13 -36.22 24.75
C LEU A 127 5.40 -35.59 26.10
N ASP A 128 6.45 -36.01 26.78
CA ASP A 128 6.69 -35.51 28.11
C ASP A 128 7.33 -34.13 28.18
N GLU A 129 7.45 -33.61 29.38
CA GLU A 129 7.98 -32.28 29.60
C GLU A 129 9.40 -32.18 29.08
N GLN A 130 10.18 -33.22 29.32
CA GLN A 130 11.58 -33.20 28.93
C GLN A 130 11.75 -33.07 27.42
N LEU A 131 10.92 -33.80 26.67
CA LEU A 131 10.96 -33.74 25.22
C LEU A 131 10.49 -32.38 24.70
N LYS A 132 9.41 -31.88 25.26
CA LYS A 132 8.89 -30.59 24.86
C LYS A 132 9.91 -29.49 25.14
N GLN A 133 10.61 -29.61 26.26
CA GLN A 133 11.62 -28.64 26.60
C GLN A 133 12.74 -28.62 25.56
N ARG A 134 13.18 -29.80 25.14
CA ARG A 134 14.20 -29.90 24.10
C ARG A 134 13.74 -29.42 22.72
N LEU A 135 12.50 -29.70 22.38
CA LEU A 135 11.94 -29.25 21.12
C LEU A 135 11.91 -27.73 21.10
N ASN A 136 11.60 -27.14 22.25
CA ASN A 136 11.59 -25.69 22.38
C ASN A 136 10.76 -24.97 21.32
N LEU A 137 9.54 -25.43 21.10
CA LEU A 137 8.66 -24.85 20.11
C LEU A 137 7.70 -23.81 20.70
N ALA A 138 7.14 -22.99 19.83
CA ALA A 138 6.14 -22.00 20.21
C ALA A 138 4.86 -22.43 19.56
N GLU A 139 3.74 -22.18 20.21
CA GLU A 139 2.47 -22.54 19.63
C GLU A 139 2.37 -21.79 18.30
N GLY A 140 1.87 -22.48 17.29
CA GLY A 140 1.73 -21.91 15.96
C GLY A 140 2.91 -22.10 15.04
N ASP A 141 4.02 -22.61 15.55
CA ASP A 141 5.18 -22.89 14.71
C ASP A 141 4.78 -23.94 13.67
N PRO A 142 5.32 -23.83 12.46
CA PRO A 142 4.97 -24.79 11.41
C PRO A 142 5.35 -26.21 11.79
N VAL A 143 4.44 -27.13 11.51
CA VAL A 143 4.69 -28.56 11.64
C VAL A 143 4.19 -29.29 10.39
N ILE A 144 4.98 -30.24 9.92
CA ILE A 144 4.61 -31.03 8.75
C ILE A 144 4.68 -32.52 9.09
N SER A 145 3.61 -33.23 8.82
CA SER A 145 3.56 -34.67 8.98
C SER A 145 4.36 -35.32 7.84
N MET A 146 5.29 -36.20 8.18
CA MET A 146 6.19 -36.88 7.36
CA MET A 146 6.12 -36.90 7.31
C MET A 146 6.17 -38.36 7.71
N GLY A 147 6.77 -39.16 6.87
CA GLY A 147 7.10 -40.55 7.16
C GLY A 147 8.37 -40.95 6.46
N ASP A 148 9.10 -41.87 7.06
CA ASP A 148 10.26 -42.44 6.43
C ASP A 148 9.81 -43.53 5.45
N THR A 149 10.77 -44.14 4.78
CA THR A 149 10.47 -45.09 3.73
C THR A 149 9.90 -46.40 4.27
N ASN A 150 9.90 -46.55 5.59
CA ASN A 150 9.27 -47.70 6.23
C ASN A 150 7.88 -47.37 6.72
N GLY A 151 7.43 -46.15 6.44
CA GLY A 151 6.13 -45.73 6.94
C GLY A 151 6.11 -45.38 8.42
N ARG A 152 7.26 -45.00 8.96
CA ARG A 152 7.32 -44.60 10.36
C ARG A 152 7.10 -43.09 10.42
N ARG A 153 5.97 -42.70 11.00
CA ARG A 153 5.55 -41.31 11.09
C ARG A 153 6.52 -40.45 11.90
N ALA A 154 6.70 -39.22 11.43
CA ALA A 154 7.62 -38.28 12.01
C ALA A 154 7.11 -36.87 11.76
N ALA A 155 7.77 -35.90 12.38
CA ALA A 155 7.36 -34.51 12.21
C ALA A 155 8.54 -33.63 11.83
N LEU A 156 8.31 -32.71 10.91
CA LEU A 156 9.30 -31.69 10.58
C LEU A 156 8.76 -30.37 11.12
N PHE A 157 9.54 -29.72 11.97
CA PHE A 157 9.13 -28.48 12.59
C PHE A 157 10.01 -27.32 12.11
N TYR A 158 9.43 -26.13 12.08
CA TYR A 158 10.22 -24.95 11.87
C TYR A 158 10.11 -24.17 13.19
N ARG A 159 11.22 -24.07 13.91
CA ARG A 159 11.22 -23.34 15.15
C ARG A 159 11.51 -21.90 14.77
N THR A 160 10.46 -21.09 14.76
CA THR A 160 10.55 -19.71 14.29
C THR A 160 11.52 -18.88 15.10
N SER A 161 11.66 -19.18 16.39
CA SER A 161 12.48 -18.35 17.25
C SER A 161 13.93 -18.29 16.80
N ASP A 162 14.48 -19.42 16.37
CA ASP A 162 15.83 -19.41 15.83
C ASP A 162 15.94 -19.82 14.36
N GLU A 163 14.79 -19.94 13.70
CA GLU A 163 14.74 -20.28 12.28
C GLU A 163 15.44 -21.59 11.93
N LYS A 164 15.24 -22.60 12.77
CA LYS A 164 15.85 -23.90 12.57
C LYS A 164 14.80 -24.93 12.20
N TYR A 165 15.16 -25.80 11.28
CA TYR A 165 14.27 -26.87 10.87
C TYR A 165 14.65 -28.10 11.69
N ILE A 166 13.67 -28.60 12.42
CA ILE A 166 13.89 -29.70 13.34
C ILE A 166 13.13 -30.92 12.89
N LEU A 167 13.86 -32.02 12.69
CA LEU A 167 13.26 -33.28 12.31
C LEU A 167 13.15 -34.13 13.57
N PHE A 168 11.91 -34.50 13.92
CA PHE A 168 11.62 -35.23 15.14
C PHE A 168 11.10 -36.62 14.80
N PHE A 169 11.81 -37.63 15.26
CA PHE A 169 11.46 -39.01 14.95
C PHE A 169 12.02 -39.94 15.99
N SER A 170 11.47 -41.15 16.02
CA SER A 170 11.97 -42.18 16.91
C SER A 170 12.73 -43.24 16.14
N THR A 171 13.57 -43.96 16.88
CA THR A 171 14.29 -45.10 16.35
C THR A 171 14.02 -46.31 17.26
N THR A 172 14.19 -47.50 16.71
CA THR A 172 14.02 -48.75 17.47
C THR A 172 15.16 -49.04 18.46
N GLU A 173 16.32 -48.45 18.22
CA GLU A 173 17.50 -48.65 19.06
C GLU A 173 18.29 -47.35 19.25
N ASP A 174 19.22 -47.36 20.19
CA ASP A 174 20.05 -46.21 20.49
C ASP A 174 20.83 -45.85 19.23
N PRO A 175 20.71 -44.62 18.79
CA PRO A 175 21.43 -44.16 17.60
C PRO A 175 22.90 -44.02 17.91
N GLY A 176 23.25 -44.11 19.18
CA GLY A 176 24.60 -43.93 19.65
C GLY A 176 24.81 -42.57 20.27
N ALA A 177 25.79 -42.49 21.17
CA ALA A 177 26.11 -41.26 21.88
C ALA A 177 26.54 -40.16 20.93
N GLN A 178 27.21 -40.55 19.86
CA GLN A 178 27.66 -39.62 18.83
C GLN A 178 26.86 -39.81 17.53
N TYR A 179 25.72 -40.48 17.63
CA TYR A 179 24.85 -40.76 16.48
C TYR A 179 25.53 -41.65 15.45
N GLN A 180 26.50 -42.42 15.91
CA GLN A 180 27.28 -43.31 15.06
C GLN A 180 26.50 -44.46 14.41
N ASN A 181 25.50 -44.97 15.12
CA ASN A 181 24.70 -46.09 14.64
C ASN A 181 23.60 -45.74 13.67
N LEU A 182 23.18 -44.48 13.67
CA LEU A 182 22.02 -44.14 12.86
C LEU A 182 22.31 -44.02 11.38
N LYS A 183 21.56 -44.78 10.58
CA LYS A 183 21.65 -44.66 9.13
C LYS A 183 20.35 -44.00 8.69
N MET A 184 20.44 -42.76 8.25
CA MET A 184 19.26 -41.99 7.89
C MET A 184 18.52 -42.51 6.67
N LEU A 185 17.22 -42.30 6.70
CA LEU A 185 16.33 -42.65 5.62
C LEU A 185 15.76 -41.36 5.07
N TYR A 186 15.23 -41.47 3.86
CA TYR A 186 14.54 -40.36 3.24
C TYR A 186 13.22 -40.17 3.99
N PHE A 187 12.73 -38.95 4.03
CA PHE A 187 11.43 -38.65 4.61
C PHE A 187 10.56 -38.00 3.55
N TRP A 188 9.30 -38.40 3.48
CA TRP A 188 8.37 -37.89 2.48
C TRP A 188 7.13 -37.36 3.19
N ASN A 189 6.49 -36.35 2.62
CA ASN A 189 5.31 -35.80 3.29
C ASN A 189 4.18 -36.83 3.35
N TRP A 190 3.48 -36.86 4.47
CA TRP A 190 2.44 -37.82 4.71
C TRP A 190 1.13 -37.07 4.92
N SER A 191 0.19 -37.27 4.02
CA SER A 191 -1.09 -36.57 4.09
C SER A 191 -1.86 -36.86 5.39
N TYR A 192 -2.53 -35.83 5.89
CA TYR A 192 -3.25 -35.94 7.15
C TYR A 192 -4.41 -36.92 7.13
N SER A 193 -4.86 -37.27 5.93
CA SER A 193 -5.95 -38.22 5.79
C SER A 193 -5.49 -39.64 5.47
N ASP A 194 -4.19 -39.88 5.50
CA ASP A 194 -3.65 -41.19 5.17
C ASP A 194 -3.30 -42.02 6.39
N THR A 195 -3.66 -43.29 6.32
CA THR A 195 -3.23 -44.30 7.27
C THR A 195 -1.83 -44.68 6.85
N LYS A 196 -1.14 -45.49 7.65
CA LYS A 196 0.19 -45.92 7.30
C LYS A 196 0.15 -46.73 6.01
N GLN A 197 -0.84 -47.60 5.86
CA GLN A 197 -0.93 -48.41 4.66
C GLN A 197 -1.15 -47.53 3.45
N GLN A 198 -2.00 -46.53 3.57
CA GLN A 198 -2.23 -45.60 2.48
C GLN A 198 -0.97 -44.79 2.14
N PHE A 199 -0.23 -44.40 3.17
CA PHE A 199 1.00 -43.66 2.91
C PHE A 199 1.98 -44.52 2.10
N LEU A 200 2.17 -45.76 2.52
CA LEU A 200 3.07 -46.65 1.80
C LEU A 200 2.56 -46.96 0.40
N ASP A 201 1.26 -47.19 0.26
CA ASP A 201 0.69 -47.47 -1.04
C ASP A 201 0.82 -46.30 -2.01
N HIS A 202 0.54 -45.10 -1.52
CA HIS A 202 0.65 -43.85 -2.30
C HIS A 202 2.05 -43.42 -2.67
N LEU A 203 3.00 -43.69 -1.78
CA LEU A 203 4.35 -43.19 -1.93
C LEU A 203 5.05 -43.71 -3.18
N ARG A 204 5.68 -42.81 -3.91
CA ARG A 204 6.53 -43.16 -5.04
C ARG A 204 7.87 -42.50 -4.78
N THR A 205 8.96 -43.23 -5.01
CA THR A 205 10.29 -42.69 -4.84
C THR A 205 11.13 -42.74 -6.11
N VAL A 206 10.55 -43.28 -7.18
CA VAL A 206 11.22 -43.43 -8.46
C VAL A 206 10.31 -42.89 -9.56
N GLN A 207 10.87 -42.16 -10.52
CA GLN A 207 10.11 -41.65 -11.65
C GLN A 207 10.01 -42.72 -12.74
N PHE A 208 8.82 -42.94 -13.27
CA PHE A 208 8.67 -43.88 -14.36
C PHE A 208 8.04 -43.18 -15.54
N SER B 1 -12.86 26.31 -9.23
CA SER B 1 -13.71 27.18 -8.41
C SER B 1 -14.24 26.41 -7.18
N ILE B 2 -15.37 25.74 -7.33
CA ILE B 2 -15.87 24.91 -6.24
C ILE B 2 -15.01 23.66 -6.12
N TYR B 3 -14.83 23.16 -4.89
CA TYR B 3 -14.17 21.89 -4.67
C TYR B 3 -15.15 20.80 -4.21
N LEU B 4 -16.36 21.22 -3.83
CA LEU B 4 -17.43 20.29 -3.45
C LEU B 4 -18.59 20.46 -4.42
N PRO B 5 -19.13 19.37 -4.95
CA PRO B 5 -18.70 18.00 -4.61
C PRO B 5 -17.32 17.64 -5.17
N LEU B 6 -16.63 16.76 -4.48
CA LEU B 6 -15.24 16.44 -4.78
C LEU B 6 -14.96 15.89 -6.18
N PRO B 7 -15.87 15.09 -6.73
CA PRO B 7 -15.62 14.54 -8.07
C PRO B 7 -15.50 15.67 -9.10
N GLN B 8 -16.11 16.81 -8.83
CA GLN B 8 -16.08 17.94 -9.75
C GLN B 8 -14.93 18.93 -9.47
N ALA B 9 -14.18 18.70 -8.42
CA ALA B 9 -13.12 19.63 -8.04
C ALA B 9 -12.00 19.66 -9.06
N ASP B 10 -11.46 20.84 -9.30
CA ASP B 10 -10.32 21.00 -10.18
C ASP B 10 -9.11 20.33 -9.56
N ASP B 11 -8.21 19.85 -10.41
CA ASP B 11 -7.01 19.16 -9.95
C ASP B 11 -6.15 20.11 -9.13
N GLN B 12 -5.45 19.54 -8.17
CA GLN B 12 -4.50 20.27 -7.34
C GLN B 12 -3.23 19.43 -7.23
N TYR B 13 -2.09 20.10 -7.20
CA TYR B 13 -0.87 19.39 -6.97
CA TYR B 13 -0.86 19.39 -6.93
C TYR B 13 -0.85 18.95 -5.49
N THR B 14 -0.51 17.68 -5.28
CA THR B 14 -0.18 17.11 -4.03
C THR B 14 1.24 16.57 -4.18
N PRO B 15 2.06 16.82 -3.18
CA PRO B 15 3.50 16.52 -3.25
C PRO B 15 3.90 15.05 -3.35
N TYR B 16 3.26 14.20 -2.55
CA TYR B 16 3.59 12.78 -2.46
C TYR B 16 2.33 11.93 -2.25
N PHE B 17 2.48 10.61 -2.40
CA PHE B 17 1.32 9.73 -2.31
C PHE B 17 0.66 9.91 -0.94
N VAL B 18 1.48 9.87 0.11
CA VAL B 18 1.01 10.19 1.45
C VAL B 18 1.91 11.32 1.98
N TYR B 19 1.30 12.33 2.57
CA TYR B 19 2.08 13.47 3.05
C TYR B 19 1.50 14.04 4.33
N ASN B 20 2.33 14.79 5.04
CA ASN B 20 1.94 15.46 6.25
C ASN B 20 1.57 16.92 5.99
N PHE B 21 1.24 17.63 7.06
CA PHE B 21 0.83 19.03 6.94
C PHE B 21 1.93 19.95 6.37
N GLN B 22 3.19 19.53 6.44
CA GLN B 22 4.30 20.31 5.89
C GLN B 22 4.58 20.03 4.42
N GLY B 23 3.86 19.06 3.86
CA GLY B 23 4.07 18.70 2.47
C GLY B 23 5.23 17.76 2.24
N GLU B 24 5.75 17.23 3.34
CA GLU B 24 6.80 16.22 3.22
CA GLU B 24 6.77 16.20 3.28
C GLU B 24 6.13 14.83 3.13
N ARG B 25 6.84 14.02 2.39
CA ARG B 25 6.45 12.65 2.09
C ARG B 25 6.36 11.77 3.31
N VAL B 26 5.42 10.83 3.28
CA VAL B 26 5.25 9.85 4.34
C VAL B 26 5.36 8.46 3.69
N SER B 27 6.23 7.59 4.19
CA SER B 27 6.45 6.30 3.53
C SER B 27 5.25 5.38 3.51
N THR B 28 5.06 4.69 2.39
CA THR B 28 3.98 3.74 2.22
C THR B 28 4.42 2.31 2.56
N THR B 29 5.62 2.17 3.11
CA THR B 29 6.12 0.85 3.47
C THR B 29 5.26 0.19 4.54
N GLU B 30 4.79 0.99 5.49
CA GLU B 30 4.00 0.49 6.60
C GLU B 30 2.52 0.30 6.30
N THR B 31 1.94 -0.67 6.99
CA THR B 31 0.52 -0.92 6.93
C THR B 31 -0.22 0.28 7.52
N GLY B 32 -1.36 0.59 6.92
CA GLY B 32 -2.22 1.63 7.45
C GLY B 32 -1.80 3.07 7.31
N VAL B 33 -0.95 3.38 6.35
CA VAL B 33 -0.58 4.77 6.07
CA VAL B 33 -0.66 4.80 6.16
C VAL B 33 -1.61 5.56 5.19
N PHE B 34 -2.42 4.82 4.46
CA PHE B 34 -3.55 5.41 3.74
C PHE B 34 -4.78 4.52 3.74
N CYS B 35 -5.93 5.18 3.67
CA CYS B 35 -7.21 4.51 3.67
C CYS B 35 -8.00 4.92 2.45
N LEU B 36 -8.53 3.95 1.73
CA LEU B 36 -9.37 4.23 0.59
C LEU B 36 -10.83 4.24 1.06
N ALA B 37 -11.49 5.37 0.88
CA ALA B 37 -12.91 5.54 1.21
C ALA B 37 -13.61 5.86 -0.11
N ALA B 38 -14.71 5.19 -0.38
CA ALA B 38 -15.42 5.40 -1.64
C ALA B 38 -16.85 4.91 -1.58
N ILE B 39 -17.61 5.34 -2.58
CA ILE B 39 -18.83 4.65 -2.98
CA ILE B 39 -18.81 4.64 -2.98
C ILE B 39 -18.35 4.10 -4.35
N PRO B 40 -18.07 2.81 -4.39
CA PRO B 40 -17.66 2.17 -5.64
C PRO B 40 -18.81 2.06 -6.61
N ALA B 41 -18.46 1.90 -7.89
CA ALA B 41 -19.46 1.75 -8.92
C ALA B 41 -19.31 0.37 -9.52
N ALA B 42 -20.45 -0.26 -9.79
CA ALA B 42 -20.48 -1.60 -10.33
C ALA B 42 -21.26 -1.63 -11.63
N THR B 43 -20.96 -2.63 -12.43
CA THR B 43 -21.65 -2.91 -13.68
C THR B 43 -22.01 -4.39 -13.66
N THR B 44 -22.63 -4.85 -14.74
CA THR B 44 -23.07 -6.22 -14.81
C THR B 44 -21.87 -7.16 -14.68
N SER B 45 -20.73 -6.74 -15.20
CA SER B 45 -19.53 -7.59 -15.20
C SER B 45 -18.69 -7.51 -13.93
N SER B 46 -19.09 -6.69 -12.97
CA SER B 46 -18.38 -6.56 -11.71
C SER B 46 -18.38 -7.84 -10.87
N ARG B 47 -19.49 -8.58 -10.94
CA ARG B 47 -19.67 -9.77 -10.10
C ARG B 47 -19.32 -11.02 -10.88
N TYR B 48 -18.44 -11.84 -10.31
CA TYR B 48 -18.08 -13.12 -10.91
C TYR B 48 -18.12 -14.21 -9.86
N ASN B 49 -18.80 -15.31 -10.17
CA ASN B 49 -18.95 -16.43 -9.25
C ASN B 49 -18.10 -17.61 -9.73
N ASN B 50 -17.05 -17.92 -8.99
CA ASN B 50 -16.25 -19.12 -9.21
C ASN B 50 -15.44 -19.41 -7.95
N GLN B 51 -15.37 -20.67 -7.53
CA GLN B 51 -14.57 -20.99 -6.35
C GLN B 51 -13.08 -21.06 -6.68
N ILE B 52 -12.29 -20.23 -6.02
CA ILE B 52 -10.84 -20.28 -6.14
C ILE B 52 -10.25 -20.57 -4.76
N THR B 53 -9.59 -21.71 -4.60
CA THR B 53 -9.01 -22.11 -3.32
C THR B 53 -7.76 -21.34 -2.84
N ILE B 54 -6.84 -21.10 -3.76
CA ILE B 54 -5.63 -20.32 -3.43
C ILE B 54 -5.40 -19.21 -4.47
N PRO B 55 -6.27 -18.21 -4.42
CA PRO B 55 -6.15 -17.06 -5.33
C PRO B 55 -4.92 -16.22 -4.98
N SER B 56 -4.31 -15.60 -5.97
CA SER B 56 -3.17 -14.74 -5.72
C SER B 56 -3.16 -13.55 -6.67
N ILE B 57 -2.50 -12.47 -6.26
CA ILE B 57 -2.30 -11.32 -7.12
C ILE B 57 -0.80 -11.27 -7.38
N GLY B 58 -0.41 -11.33 -8.65
CA GLY B 58 0.99 -11.31 -9.00
C GLY B 58 1.56 -9.93 -9.26
N TYR B 59 2.86 -9.78 -8.99
CA TYR B 59 3.56 -8.54 -9.27
C TYR B 59 5.04 -8.83 -9.45
N ARG B 60 5.76 -7.88 -10.03
CA ARG B 60 7.17 -8.05 -10.33
C ARG B 60 8.10 -7.84 -9.13
N GLY B 64 12.55 -7.47 -10.47
CA GLY B 64 12.38 -8.07 -11.77
C GLY B 64 11.70 -9.41 -11.71
N THR B 65 11.74 -10.03 -10.54
CA THR B 65 11.13 -11.34 -10.36
C THR B 65 9.63 -11.30 -10.16
N GLY B 66 8.92 -12.24 -10.77
CA GLY B 66 7.49 -12.35 -10.57
C GLY B 66 7.20 -13.07 -9.26
N THR B 67 6.45 -12.40 -8.40
CA THR B 67 6.11 -12.90 -7.08
C THR B 67 4.63 -12.64 -6.86
N LEU B 68 4.13 -12.82 -5.65
CA LEU B 68 2.69 -12.68 -5.42
C LEU B 68 2.32 -12.43 -3.97
N PHE B 69 1.08 -12.00 -3.77
CA PHE B 69 0.46 -11.99 -2.46
C PHE B 69 -0.84 -12.80 -2.54
N LEU B 70 -1.09 -13.60 -1.53
CA LEU B 70 -2.27 -14.46 -1.52
C LEU B 70 -3.54 -13.78 -1.04
N LEU B 71 -4.67 -14.27 -1.51
CA LEU B 71 -5.97 -13.81 -1.07
C LEU B 71 -6.69 -14.99 -0.45
N ASP B 72 -7.72 -14.71 0.33
CA ASP B 72 -8.52 -15.76 0.95
C ASP B 72 -9.31 -16.53 -0.11
N ALA B 73 -9.47 -17.82 0.13
CA ALA B 73 -10.27 -18.64 -0.74
C ALA B 73 -11.69 -18.08 -0.71
N ALA B 74 -12.31 -17.99 -1.87
CA ALA B 74 -13.64 -17.44 -1.98
C ALA B 74 -14.31 -17.83 -3.29
N SER B 75 -15.62 -17.63 -3.37
CA SER B 75 -16.39 -17.91 -4.58
C SER B 75 -17.02 -16.70 -5.24
N TRP B 76 -17.01 -15.57 -4.55
CA TRP B 76 -17.62 -14.37 -5.10
C TRP B 76 -16.58 -13.28 -5.27
N TRP B 77 -16.34 -12.94 -6.53
CA TRP B 77 -15.31 -11.98 -6.90
C TRP B 77 -15.89 -10.69 -7.41
N ASN B 78 -15.31 -9.58 -6.95
CA ASN B 78 -15.84 -8.27 -7.29
C ASN B 78 -14.82 -7.35 -7.91
N ILE B 79 -15.17 -6.80 -9.07
CA ILE B 79 -14.33 -5.84 -9.74
C ILE B 79 -15.10 -4.52 -9.74
N LEU B 80 -14.73 -3.62 -8.84
CA LEU B 80 -15.46 -2.37 -8.69
C LEU B 80 -14.61 -1.16 -9.05
N ASP B 81 -15.28 -0.13 -9.55
CA ASP B 81 -14.62 1.10 -9.95
C ASP B 81 -14.77 2.13 -8.83
N VAL B 82 -13.65 2.66 -8.34
CA VAL B 82 -13.68 3.70 -7.30
C VAL B 82 -13.19 5.07 -7.80
N THR B 83 -13.09 5.21 -9.12
CA THR B 83 -12.54 6.42 -9.70
C THR B 83 -13.33 7.69 -9.42
N GLN B 84 -14.64 7.63 -9.60
CA GLN B 84 -15.42 8.85 -9.43
C GLN B 84 -15.46 9.41 -8.01
N THR B 85 -15.75 8.57 -7.03
CA THR B 85 -15.90 9.05 -5.64
C THR B 85 -14.77 8.76 -4.66
N GLY B 86 -13.80 7.95 -5.05
CA GLY B 86 -12.74 7.58 -4.14
C GLY B 86 -11.85 8.70 -3.64
N VAL B 87 -11.47 8.57 -2.38
CA VAL B 87 -10.54 9.49 -1.72
C VAL B 87 -9.61 8.69 -0.83
N LEU B 88 -8.46 9.28 -0.51
CA LEU B 88 -7.57 8.66 0.46
C LEU B 88 -7.48 9.51 1.72
N PHE B 89 -7.71 8.87 2.85
CA PHE B 89 -7.48 9.48 4.15
C PHE B 89 -6.07 9.11 4.57
N GLY B 90 -5.37 10.04 5.18
CA GLY B 90 -4.05 9.78 5.72
C GLY B 90 -4.08 9.02 7.04
N GLN B 91 -2.93 8.47 7.40
CA GLN B 91 -2.76 7.71 8.61
C GLN B 91 -3.25 8.58 9.77
N PRO B 92 -3.93 7.99 10.75
CA PRO B 92 -4.65 8.79 11.75
C PRO B 92 -3.78 9.75 12.52
N ARG B 93 -2.56 9.35 12.86
CA ARG B 93 -1.69 10.21 13.65
C ARG B 93 -1.41 11.51 12.93
N LEU B 94 -1.44 11.49 11.59
CA LEU B 94 -1.20 12.68 10.79
C LEU B 94 -2.25 13.80 10.93
N GLY B 95 -3.51 13.42 11.05
CA GLY B 95 -4.59 14.38 11.17
C GLY B 95 -4.94 15.07 9.87
N VAL B 96 -4.35 14.63 8.77
CA VAL B 96 -4.61 15.24 7.47
C VAL B 96 -5.98 14.94 6.85
N GLY B 97 -6.64 13.91 7.34
CA GLY B 97 -7.93 13.53 6.78
C GLY B 97 -7.81 13.21 5.30
N VAL B 98 -8.70 13.74 4.49
CA VAL B 98 -8.65 13.45 3.06
C VAL B 98 -7.51 14.24 2.42
N MET B 99 -6.53 13.53 1.88
CA MET B 99 -5.29 14.09 1.40
CA MET B 99 -5.34 14.16 1.38
C MET B 99 -5.04 13.75 -0.08
N GLN B 100 -5.89 12.93 -0.68
CA GLN B 100 -5.92 12.75 -2.11
C GLN B 100 -7.32 12.45 -2.58
N THR B 101 -7.63 12.86 -3.80
CA THR B 101 -8.79 12.36 -4.53
C THR B 101 -8.19 11.39 -5.53
N MET B 102 -9.01 10.63 -6.23
CA MET B 102 -8.47 9.72 -7.23
C MET B 102 -7.78 10.56 -8.31
N LYS B 103 -8.32 11.74 -8.60
CA LYS B 103 -7.71 12.60 -9.60
C LYS B 103 -6.29 13.08 -9.22
N THR B 104 -6.15 13.61 -8.01
CA THR B 104 -4.83 14.03 -7.53
C THR B 104 -3.88 12.86 -7.40
N LEU B 105 -4.43 11.69 -7.08
CA LEU B 105 -3.61 10.50 -6.89
C LEU B 105 -2.91 10.06 -8.19
N LYS B 106 -3.43 10.52 -9.33
CA LYS B 106 -2.84 10.17 -10.60
C LYS B 106 -1.40 10.68 -10.67
N GLN B 107 -1.12 11.72 -9.91
CA GLN B 107 0.22 12.29 -9.86
C GLN B 107 1.23 11.33 -9.25
N HIS B 108 0.74 10.38 -8.45
CA HIS B 108 1.63 9.49 -7.72
C HIS B 108 1.44 8.00 -7.95
N ILE B 109 0.36 7.64 -8.63
CA ILE B 109 -0.02 6.24 -8.80
C ILE B 109 1.00 5.42 -9.60
N LYS B 110 1.78 6.09 -10.43
CA LYS B 110 2.81 5.44 -11.23
C LYS B 110 4.22 5.63 -10.66
N ASP B 111 4.30 6.06 -9.41
CA ASP B 111 5.60 6.23 -8.76
C ASP B 111 5.98 4.88 -8.16
N TYR B 112 6.61 4.05 -8.98
CA TYR B 112 6.93 2.68 -8.60
C TYR B 112 7.98 2.59 -7.51
N THR B 113 8.65 3.70 -7.24
CA THR B 113 9.59 3.72 -6.14
C THR B 113 8.88 3.60 -4.79
N GLU B 114 7.60 3.98 -4.72
CA GLU B 114 6.86 3.83 -3.48
C GLU B 114 6.71 2.37 -3.13
N PRO B 115 6.97 2.01 -1.88
CA PRO B 115 6.93 0.60 -1.48
C PRO B 115 5.56 -0.03 -1.71
N ALA B 116 4.50 0.74 -1.52
CA ALA B 116 3.14 0.24 -1.69
C ALA B 116 2.82 -0.17 -3.12
N ILE B 117 3.40 0.52 -4.08
CA ILE B 117 3.04 0.33 -5.47
C ILE B 117 3.92 -0.68 -6.18
N GLN B 118 3.28 -1.68 -6.79
CA GLN B 118 3.98 -2.73 -7.48
C GLN B 118 3.50 -2.83 -8.91
N LYS B 119 4.25 -3.56 -9.74
CA LYS B 119 3.91 -3.70 -11.14
C LYS B 119 3.17 -5.01 -11.33
N TYR B 120 1.95 -4.93 -11.84
CA TYR B 120 1.11 -6.12 -11.97
C TYR B 120 1.76 -7.14 -12.89
N TYR B 121 1.72 -8.39 -12.47
CA TYR B 121 2.27 -9.48 -13.27
C TYR B 121 1.23 -10.61 -13.38
N PRO B 122 0.74 -10.83 -14.59
CA PRO B 122 -0.27 -11.86 -14.83
C PRO B 122 0.22 -13.28 -14.54
N GLY B 123 1.51 -13.54 -14.75
CA GLY B 123 2.06 -14.88 -14.65
C GLY B 123 1.88 -15.54 -13.31
N THR B 124 1.95 -14.75 -12.25
CA THR B 124 1.80 -15.25 -10.90
C THR B 124 0.46 -14.85 -10.26
N THR B 125 -0.47 -14.43 -11.11
CA THR B 125 -1.80 -14.12 -10.65
C THR B 125 -2.68 -15.34 -10.87
N ASN B 126 -3.01 -16.06 -9.79
CA ASN B 126 -3.87 -17.22 -9.91
C ASN B 126 -5.33 -16.83 -9.87
N LEU B 127 -5.78 -16.25 -10.97
CA LEU B 127 -7.17 -15.94 -11.21
C LEU B 127 -7.35 -16.40 -12.63
N ASP B 128 -8.51 -16.95 -12.94
CA ASP B 128 -8.73 -17.54 -14.23
C ASP B 128 -8.87 -16.54 -15.38
N GLU B 129 -8.96 -17.06 -16.59
CA GLU B 129 -9.00 -16.23 -17.77
C GLU B 129 -10.21 -15.33 -17.71
N GLN B 130 -11.32 -15.86 -17.21
CA GLN B 130 -12.55 -15.08 -17.17
C GLN B 130 -12.42 -13.84 -16.29
N LEU B 131 -11.82 -14.01 -15.12
CA LEU B 131 -11.56 -12.88 -14.23
C LEU B 131 -10.55 -11.90 -14.82
N LYS B 132 -9.50 -12.43 -15.42
CA LYS B 132 -8.49 -11.56 -16.02
C LYS B 132 -9.08 -10.73 -17.15
N GLN B 133 -10.01 -11.31 -17.90
CA GLN B 133 -10.63 -10.59 -18.99
C GLN B 133 -11.41 -9.38 -18.48
N ARG B 134 -12.17 -9.59 -17.41
CA ARG B 134 -12.90 -8.50 -16.77
C ARG B 134 -12.00 -7.46 -16.13
N LEU B 135 -10.91 -7.89 -15.50
CA LEU B 135 -9.98 -6.95 -14.91
C LEU B 135 -9.38 -6.05 -16.01
N ASN B 136 -9.09 -6.65 -17.16
CA ASN B 136 -8.60 -5.91 -18.32
C ASN B 136 -7.37 -5.05 -18.01
N LEU B 137 -6.36 -5.66 -17.42
CA LEU B 137 -5.16 -4.97 -17.02
C LEU B 137 -4.03 -5.23 -18.00
N ALA B 138 -3.03 -4.35 -17.96
CA ALA B 138 -1.84 -4.51 -18.76
C ALA B 138 -0.73 -4.86 -17.78
N GLU B 139 0.20 -5.70 -18.22
CA GLU B 139 1.29 -6.06 -17.35
C GLU B 139 2.00 -4.76 -17.00
N GLY B 140 2.35 -4.62 -15.73
CA GLY B 140 3.01 -3.42 -15.25
C GLY B 140 2.10 -2.34 -14.70
N ASP B 141 0.79 -2.51 -14.82
CA ASP B 141 -0.12 -1.53 -14.26
C ASP B 141 0.05 -1.52 -12.76
N PRO B 142 -0.16 -0.37 -12.13
CA PRO B 142 0.03 -0.30 -10.69
C PRO B 142 -0.92 -1.21 -9.92
N VAL B 143 -0.39 -1.91 -8.93
CA VAL B 143 -1.19 -2.72 -8.03
C VAL B 143 -0.75 -2.47 -6.59
N ILE B 144 -1.71 -2.32 -5.69
CA ILE B 144 -1.42 -2.09 -4.29
C ILE B 144 -2.15 -3.10 -3.40
N SER B 145 -1.39 -3.73 -2.50
CA SER B 145 -1.95 -4.64 -1.51
C SER B 145 -2.73 -3.86 -0.46
N MET B 146 -3.99 -4.23 -0.25
CA MET B 146 -4.91 -3.60 0.67
CA MET B 146 -4.86 -3.60 0.71
C MET B 146 -5.50 -4.61 1.63
N GLY B 147 -6.16 -4.15 2.67
CA GLY B 147 -7.02 -5.01 3.46
C GLY B 147 -8.26 -4.25 3.91
N ASP B 148 -9.36 -4.96 4.08
CA ASP B 148 -10.53 -4.36 4.67
C ASP B 148 -10.35 -4.40 6.18
N THR B 149 -11.31 -3.87 6.92
CA THR B 149 -11.20 -3.75 8.36
C THR B 149 -11.26 -5.08 9.12
N ASN B 150 -11.57 -6.16 8.41
CA ASN B 150 -11.57 -7.51 8.97
C ASN B 150 -10.29 -8.25 8.64
N GLY B 151 -9.35 -7.58 8.00
CA GLY B 151 -8.13 -8.25 7.56
C GLY B 151 -8.29 -9.15 6.35
N ARG B 152 -9.27 -8.82 5.50
CA ARG B 152 -9.48 -9.59 4.29
C ARG B 152 -8.72 -8.90 3.15
N ARG B 153 -7.66 -9.56 2.70
CA ARG B 153 -6.75 -9.01 1.71
C ARG B 153 -7.44 -8.76 0.37
N ALA B 154 -7.03 -7.66 -0.26
CA ALA B 154 -7.61 -7.19 -1.51
C ALA B 154 -6.55 -6.46 -2.33
N ALA B 155 -6.91 -6.04 -3.53
CA ALA B 155 -5.98 -5.32 -4.38
C ALA B 155 -6.61 -4.09 -4.95
N LEU B 156 -5.84 -3.01 -5.04
CA LEU B 156 -6.29 -1.82 -5.74
C LEU B 156 -5.39 -1.70 -6.97
N PHE B 157 -6.01 -1.62 -8.13
CA PHE B 157 -5.28 -1.52 -9.39
C PHE B 157 -5.53 -0.16 -10.03
N TYR B 158 -4.58 0.31 -10.80
CA TYR B 158 -4.83 1.46 -11.65
C TYR B 158 -4.75 0.93 -13.07
N ARG B 159 -5.86 0.96 -13.77
CA ARG B 159 -5.88 0.49 -15.14
C ARG B 159 -5.49 1.67 -16.01
N THR B 160 -4.23 1.71 -16.41
CA THR B 160 -3.68 2.86 -17.11
C THR B 160 -4.42 3.15 -18.42
N SER B 161 -4.90 2.13 -19.08
CA SER B 161 -5.51 2.31 -20.38
C SER B 161 -6.73 3.22 -20.36
N ASP B 162 -7.52 3.17 -19.29
CA ASP B 162 -8.66 4.06 -19.16
C ASP B 162 -8.61 4.98 -17.91
N GLU B 163 -7.47 5.01 -17.25
CA GLU B 163 -7.27 5.84 -16.07
C GLU B 163 -8.29 5.58 -14.96
N LYS B 164 -8.63 4.31 -14.77
CA LYS B 164 -9.62 3.95 -13.76
C LYS B 164 -8.99 3.18 -12.61
N TYR B 165 -9.46 3.46 -11.39
CA TYR B 165 -8.99 2.76 -10.20
C TYR B 165 -9.96 1.61 -9.93
N ILE B 166 -9.43 0.40 -9.90
CA ILE B 166 -10.22 -0.79 -9.77
C ILE B 166 -9.93 -1.47 -8.45
N LEU B 167 -10.98 -1.66 -7.65
CA LEU B 167 -10.83 -2.34 -6.37
C LEU B 167 -11.31 -3.78 -6.56
N PHE B 168 -10.42 -4.73 -6.31
CA PHE B 168 -10.71 -6.13 -6.51
C PHE B 168 -10.69 -6.87 -5.19
N PHE B 169 -11.80 -7.51 -4.86
CA PHE B 169 -11.94 -8.20 -3.59
C PHE B 169 -13.01 -9.27 -3.69
N SER B 170 -13.01 -10.17 -2.70
CA SER B 170 -14.03 -11.20 -2.63
C SER B 170 -15.00 -10.89 -1.50
N THR B 171 -16.17 -11.51 -1.61
CA THR B 171 -17.19 -11.47 -0.58
C THR B 171 -17.56 -12.91 -0.25
N THR B 172 -18.05 -13.12 0.97
CA THR B 172 -18.46 -14.44 1.43
C THR B 172 -19.71 -14.97 0.73
N GLU B 173 -20.54 -14.06 0.25
CA GLU B 173 -21.79 -14.42 -0.39
C GLU B 173 -22.07 -13.46 -1.54
N ASP B 174 -23.10 -13.78 -2.30
CA ASP B 174 -23.47 -13.01 -3.48
C ASP B 174 -23.79 -11.58 -3.04
N PRO B 175 -23.14 -10.60 -3.65
CA PRO B 175 -23.39 -9.20 -3.33
C PRO B 175 -24.72 -8.72 -3.92
N GLY B 176 -25.33 -9.54 -4.76
CA GLY B 176 -26.58 -9.21 -5.42
C GLY B 176 -26.34 -8.80 -6.85
N ALA B 177 -27.34 -9.04 -7.70
CA ALA B 177 -27.21 -8.76 -9.12
C ALA B 177 -26.97 -7.27 -9.34
N GLN B 178 -27.57 -6.44 -8.49
CA GLN B 178 -27.43 -5.00 -8.55
C GLN B 178 -26.57 -4.50 -7.38
N TYR B 179 -25.85 -5.40 -6.75
CA TYR B 179 -24.98 -5.06 -5.63
C TYR B 179 -25.74 -4.53 -4.42
N GLN B 180 -27.01 -4.89 -4.34
CA GLN B 180 -27.86 -4.48 -3.23
C GLN B 180 -27.45 -5.00 -1.85
N ASN B 181 -26.92 -6.21 -1.80
CA ASN B 181 -26.49 -6.85 -0.56
C ASN B 181 -25.19 -6.35 0.06
N LEU B 182 -24.31 -5.80 -0.75
CA LEU B 182 -22.98 -5.47 -0.27
C LEU B 182 -22.93 -4.20 0.58
N LYS B 183 -22.38 -4.33 1.79
CA LYS B 183 -22.15 -3.19 2.65
C LYS B 183 -20.64 -2.99 2.70
N MET B 184 -20.17 -1.93 2.04
CA MET B 184 -18.75 -1.68 1.90
C MET B 184 -18.02 -1.35 3.21
N LEU B 185 -16.78 -1.77 3.27
CA LEU B 185 -15.91 -1.52 4.41
C LEU B 185 -14.78 -0.62 3.93
N TYR B 186 -14.11 0.02 4.88
CA TYR B 186 -12.94 0.81 4.54
C TYR B 186 -11.83 -0.15 4.15
N PHE B 187 -10.95 0.31 3.27
CA PHE B 187 -9.77 -0.46 2.90
C PHE B 187 -8.52 0.32 3.27
N TRP B 188 -7.53 -0.36 3.81
CA TRP B 188 -6.30 0.28 4.25
C TRP B 188 -5.11 -0.44 3.60
N ASN B 189 -4.03 0.29 3.34
CA ASN B 189 -2.90 -0.38 2.70
C ASN B 189 -2.29 -1.43 3.63
N TRP B 190 -1.88 -2.54 3.04
CA TRP B 190 -1.36 -3.69 3.75
C TRP B 190 0.06 -3.95 3.28
N SER B 191 1.01 -3.81 4.18
CA SER B 191 2.42 -3.97 3.84
C SER B 191 2.73 -5.37 3.34
N TYR B 192 3.62 -5.46 2.37
CA TYR B 192 3.98 -6.74 1.75
C TYR B 192 4.63 -7.72 2.72
N SER B 193 5.20 -7.19 3.79
CA SER B 193 5.84 -8.02 4.79
C SER B 193 4.93 -8.39 5.98
N ASP B 194 3.68 -7.99 5.93
CA ASP B 194 2.74 -8.27 7.01
C ASP B 194 1.84 -9.48 6.78
N THR B 195 1.70 -10.30 7.81
CA THR B 195 0.71 -11.37 7.85
C THR B 195 -0.61 -10.70 8.18
N LYS B 196 -1.70 -11.47 8.14
CA LYS B 196 -3.00 -10.92 8.48
C LYS B 196 -3.03 -10.42 9.93
N GLN B 197 -2.46 -11.18 10.85
CA GLN B 197 -2.44 -10.76 12.25
C GLN B 197 -1.63 -9.47 12.42
N GLN B 198 -0.51 -9.38 11.73
CA GLN B 198 0.31 -8.19 11.79
C GLN B 198 -0.44 -6.98 11.23
N PHE B 199 -1.17 -7.21 10.14
CA PHE B 199 -1.92 -6.12 9.53
C PHE B 199 -2.96 -5.59 10.51
N LEU B 200 -3.73 -6.49 11.10
CA LEU B 200 -4.73 -6.09 12.07
C LEU B 200 -4.09 -5.44 13.31
N ASP B 201 -2.98 -5.98 13.78
CA ASP B 201 -2.32 -5.41 14.94
C ASP B 201 -1.81 -4.01 14.68
N HIS B 202 -1.18 -3.82 13.52
CA HIS B 202 -0.65 -2.53 13.08
C HIS B 202 -1.68 -1.46 12.74
N LEU B 203 -2.81 -1.89 12.21
CA LEU B 203 -3.81 -0.95 11.72
C LEU B 203 -4.39 -0.07 12.82
N ARG B 204 -4.44 1.23 12.55
CA ARG B 204 -5.10 2.20 13.41
C ARG B 204 -6.14 2.93 12.54
N THR B 205 -7.35 3.11 13.06
CA THR B 205 -8.38 3.81 12.29
C THR B 205 -8.93 5.05 13.02
N VAL B 206 -8.40 5.29 14.21
CA VAL B 206 -8.82 6.41 15.04
C VAL B 206 -7.59 7.16 15.52
N GLN B 207 -7.66 8.48 15.50
CA GLN B 207 -6.56 9.31 15.99
C GLN B 207 -6.69 9.50 17.50
N PHE B 208 -5.59 9.36 18.21
CA PHE B 208 -5.57 9.61 19.65
C PHE B 208 -4.53 10.67 19.99
N SER C 1 33.55 42.24 -33.39
CA SER C 1 34.55 41.92 -34.40
C SER C 1 34.70 40.40 -34.53
N ILE C 2 35.61 39.82 -33.77
CA ILE C 2 35.76 38.37 -33.79
C ILE C 2 34.58 37.73 -33.06
N TYR C 3 34.23 36.51 -33.44
CA TYR C 3 33.23 35.75 -32.69
C TYR C 3 33.84 34.50 -32.07
N LEU C 4 35.07 34.19 -32.45
CA LEU C 4 35.82 33.08 -31.87
C LEU C 4 37.07 33.63 -31.18
N PRO C 5 37.34 33.22 -29.94
CA PRO C 5 36.54 32.24 -29.19
C PRO C 5 35.17 32.76 -28.77
N LEU C 6 34.20 31.86 -28.67
CA LEU C 6 32.82 32.23 -28.43
C LEU C 6 32.56 33.00 -27.16
N PRO C 7 33.29 32.71 -26.08
CA PRO C 7 33.06 33.44 -24.84
C PRO C 7 33.33 34.93 -25.05
N GLN C 8 34.18 35.26 -26.02
CA GLN C 8 34.53 36.65 -26.28
C GLN C 8 33.64 37.33 -27.31
N ALA C 9 32.75 36.58 -27.93
CA ALA C 9 31.92 37.12 -28.98
C ALA C 9 30.97 38.19 -28.47
N ASP C 10 30.73 39.19 -29.30
CA ASP C 10 29.79 40.26 -28.97
C ASP C 10 28.36 39.72 -29.02
N ASP C 11 27.47 40.34 -28.28
CA ASP C 11 26.09 39.90 -28.21
C ASP C 11 25.42 40.04 -29.57
N GLN C 12 24.49 39.14 -29.87
CA GLN C 12 23.73 39.19 -31.09
C GLN C 12 22.27 38.90 -30.77
N TYR C 13 21.36 39.54 -31.50
CA TYR C 13 19.95 39.24 -31.33
C TYR C 13 19.68 37.83 -31.85
N THR C 14 18.97 37.04 -31.07
CA THR C 14 18.46 35.75 -31.53
C THR C 14 16.96 35.83 -31.29
N PRO C 15 16.16 35.41 -32.26
CA PRO C 15 14.71 35.60 -32.22
C PRO C 15 13.91 34.88 -31.13
N TYR C 16 14.29 33.66 -30.81
CA TYR C 16 13.58 32.84 -29.84
C TYR C 16 14.55 31.95 -29.10
N PHE C 17 14.08 31.30 -28.04
CA PHE C 17 14.95 30.42 -27.26
C PHE C 17 15.49 29.35 -28.21
N VAL C 18 14.61 28.73 -28.98
CA VAL C 18 15.00 27.80 -30.03
C VAL C 18 14.36 28.28 -31.32
N TYR C 19 15.14 28.37 -32.38
CA TYR C 19 14.63 28.86 -33.66
C TYR C 19 15.22 28.08 -34.83
N ASN C 20 14.54 28.16 -35.98
CA ASN C 20 15.02 27.51 -37.20
C ASN C 20 15.70 28.48 -38.17
N PHE C 21 16.16 27.95 -39.30
CA PHE C 21 16.88 28.75 -40.29
C PHE C 21 16.02 29.85 -40.90
N GLN C 22 14.71 29.70 -40.79
CA GLN C 22 13.78 30.71 -41.29
C GLN C 22 13.50 31.76 -40.23
N GLY C 23 14.09 31.59 -39.06
CA GLY C 23 13.89 32.51 -37.95
C GLY C 23 12.62 32.25 -37.16
N GLU C 24 11.92 31.17 -37.50
CA GLU C 24 10.69 30.78 -36.81
C GLU C 24 10.93 30.16 -35.44
N ARG C 25 9.99 30.37 -34.53
CA ARG C 25 10.09 29.81 -33.19
C ARG C 25 9.90 28.30 -33.21
N VAL C 26 10.69 27.60 -32.42
CA VAL C 26 10.52 26.18 -32.21
C VAL C 26 10.12 26.05 -30.76
N SER C 27 8.95 25.48 -30.50
CA SER C 27 8.47 25.39 -29.13
C SER C 27 9.34 24.49 -28.24
N THR C 28 9.45 24.86 -26.97
CA THR C 28 10.24 24.11 -26.01
C THR C 28 9.42 23.08 -25.24
N THR C 29 8.19 22.82 -25.67
CA THR C 29 7.37 21.82 -25.02
C THR C 29 7.93 20.42 -25.12
N GLU C 30 8.46 20.06 -26.28
CA GLU C 30 9.01 18.73 -26.49
C GLU C 30 10.39 18.52 -25.90
N THR C 31 10.64 17.28 -25.51
CA THR C 31 11.93 16.84 -25.09
C THR C 31 12.89 16.93 -26.28
N GLY C 32 14.14 17.27 -26.01
CA GLY C 32 15.19 17.27 -27.00
C GLY C 32 15.23 18.37 -28.04
N VAL C 33 14.60 19.50 -27.74
CA VAL C 33 14.63 20.63 -28.73
CA VAL C 33 14.67 20.60 -28.78
C VAL C 33 15.86 21.55 -28.53
N PHE C 34 16.52 21.42 -27.38
CA PHE C 34 17.83 22.04 -27.22
C PHE C 34 18.80 21.20 -26.39
N CYS C 35 20.08 21.35 -26.69
CA CYS C 35 21.14 20.63 -26.04
C CYS C 35 22.16 21.60 -25.44
N LEU C 36 22.50 21.39 -24.18
CA LEU C 36 23.53 22.19 -23.53
C LEU C 36 24.87 21.50 -23.68
N ALA C 37 25.81 22.19 -24.32
CA ALA C 37 27.17 21.70 -24.47
C ALA C 37 28.08 22.72 -23.77
N ALA C 38 29.00 22.23 -22.95
CA ALA C 38 29.85 23.15 -22.21
C ALA C 38 31.11 22.46 -21.69
N ILE C 39 32.08 23.28 -21.29
CA ILE C 39 33.10 22.86 -20.35
CA ILE C 39 33.09 22.84 -20.34
C ILE C 39 32.62 23.62 -19.10
N PRO C 40 32.04 22.91 -18.15
CA PRO C 40 31.58 23.57 -16.93
C PRO C 40 32.76 23.99 -16.06
N ALA C 41 32.54 24.96 -15.19
CA ALA C 41 33.57 25.36 -14.26
C ALA C 41 33.12 25.01 -12.85
N ALA C 42 34.08 24.57 -12.05
CA ALA C 42 33.82 24.16 -10.68
C ALA C 42 34.69 24.93 -9.71
N THR C 43 34.20 25.06 -8.48
CA THR C 43 34.92 25.66 -7.38
C THR C 43 34.83 24.70 -6.21
N THR C 44 35.43 25.11 -5.11
CA THR C 44 35.44 24.32 -3.90
C THR C 44 34.04 24.12 -3.34
N SER C 45 33.09 24.94 -3.78
CA SER C 45 31.72 24.80 -3.32
C SER C 45 30.88 23.90 -4.22
N SER C 46 31.41 23.50 -5.35
CA SER C 46 30.68 22.68 -6.31
C SER C 46 30.26 21.29 -5.87
N ARG C 47 31.15 20.62 -5.15
CA ARG C 47 30.89 19.23 -4.76
C ARG C 47 30.31 19.13 -3.35
N TYR C 48 29.12 18.52 -3.28
CA TYR C 48 28.45 18.30 -2.01
C TYR C 48 28.20 16.80 -1.85
N ASN C 49 28.64 16.27 -0.72
CA ASN C 49 28.54 14.84 -0.45
C ASN C 49 27.60 14.48 0.71
N ASN C 50 26.38 14.10 0.37
CA ASN C 50 25.44 13.49 1.30
C ASN C 50 24.34 12.75 0.56
N GLN C 51 23.94 11.59 1.06
CA GLN C 51 22.85 10.87 0.44
C GLN C 51 21.52 11.60 0.64
N ILE C 52 20.81 11.83 -0.46
CA ILE C 52 19.47 12.36 -0.43
C ILE C 52 18.58 11.36 -1.16
N THR C 53 17.56 10.86 -0.46
CA THR C 53 16.83 9.64 -1.00
CA THR C 53 16.87 9.64 -1.04
C THR C 53 15.63 9.98 -1.88
N ILE C 54 14.99 11.11 -1.63
CA ILE C 54 13.89 11.54 -2.48
C ILE C 54 14.09 12.99 -2.87
N PRO C 55 15.15 13.24 -3.61
CA PRO C 55 15.44 14.60 -4.07
C PRO C 55 14.44 15.09 -5.12
N SER C 56 14.18 16.40 -5.12
CA SER C 56 13.31 17.02 -6.10
C SER C 56 13.74 18.44 -6.39
N ILE C 57 13.29 18.96 -7.52
CA ILE C 57 13.46 20.37 -7.83
C ILE C 57 12.04 20.95 -7.89
N GLY C 58 11.80 21.99 -7.10
CA GLY C 58 10.49 22.60 -7.06
C GLY C 58 10.33 23.82 -7.94
N TYR C 59 9.12 23.99 -8.47
CA TYR C 59 8.83 25.16 -9.29
C TYR C 59 7.38 25.63 -9.12
N ARG C 60 7.10 26.84 -9.58
CA ARG C 60 5.77 27.42 -9.43
C ARG C 60 4.85 27.09 -10.61
N GLY C 66 2.81 25.39 -5.69
CA GLY C 66 3.99 24.89 -6.37
C GLY C 66 3.91 23.41 -6.67
N THR C 67 4.89 22.94 -7.43
CA THR C 67 4.98 21.54 -7.81
C THR C 67 6.46 21.17 -7.94
N LEU C 68 6.76 19.99 -8.47
CA LEU C 68 8.14 19.56 -8.53
C LEU C 68 8.40 18.51 -9.60
N PHE C 69 9.68 18.29 -9.90
CA PHE C 69 10.12 17.15 -10.66
C PHE C 69 11.15 16.36 -9.85
N LEU C 70 10.96 15.05 -9.77
CA LEU C 70 11.84 14.18 -9.00
C LEU C 70 13.20 13.93 -9.64
N LEU C 71 14.20 13.69 -8.82
CA LEU C 71 15.55 13.36 -9.27
C LEU C 71 15.92 12.00 -8.70
N ASP C 72 16.96 11.39 -9.25
CA ASP C 72 17.44 10.11 -8.75
C ASP C 72 18.11 10.28 -7.39
N ALA C 73 17.92 9.31 -6.50
CA ALA C 73 18.61 9.33 -5.21
C ALA C 73 20.11 9.27 -5.49
N ALA C 74 20.89 10.04 -4.74
CA ALA C 74 22.33 10.08 -4.93
C ALA C 74 23.08 10.60 -3.70
N SER C 75 24.38 10.34 -3.65
CA SER C 75 25.23 10.86 -2.58
C SER C 75 26.19 11.97 -3.02
N TRP C 76 26.33 12.17 -4.33
CA TRP C 76 27.24 13.19 -4.84
C TRP C 76 26.50 14.22 -5.69
N TRP C 77 26.50 15.44 -5.19
CA TRP C 77 25.74 16.54 -5.78
C TRP C 77 26.68 17.60 -6.31
N ASN C 78 26.41 18.05 -7.52
CA ASN C 78 27.31 18.96 -8.20
C ASN C 78 26.63 20.23 -8.66
N ILE C 79 27.20 21.36 -8.26
CA ILE C 79 26.72 22.66 -8.69
C ILE C 79 27.82 23.24 -9.57
N LEU C 80 27.61 23.20 -10.88
CA LEU C 80 28.62 23.65 -11.83
C LEU C 80 28.17 24.88 -12.62
N ASP C 81 29.13 25.70 -13.01
CA ASP C 81 28.86 26.94 -13.73
C ASP C 81 29.14 26.72 -15.21
N VAL C 82 28.14 26.93 -16.06
CA VAL C 82 28.33 26.77 -17.50
C VAL C 82 28.28 28.11 -18.24
N THR C 83 28.36 29.19 -17.50
CA THR C 83 28.22 30.51 -18.11
C THR C 83 29.28 30.89 -19.14
N GLN C 84 30.55 30.67 -18.84
CA GLN C 84 31.58 31.09 -19.78
C GLN C 84 31.61 30.36 -21.12
N THR C 85 31.57 29.04 -21.09
CA THR C 85 31.71 28.26 -22.33
C THR C 85 30.44 27.64 -22.90
N GLY C 86 29.35 27.72 -22.14
CA GLY C 86 28.13 27.06 -22.55
C GLY C 86 27.49 27.54 -23.84
N VAL C 87 26.96 26.60 -24.60
CA VAL C 87 26.25 26.91 -25.83
C VAL C 87 25.04 25.99 -25.92
N LEU C 88 24.04 26.39 -26.70
CA LEU C 88 22.92 25.50 -26.97
C LEU C 88 22.92 25.08 -28.44
N PHE C 89 22.86 23.78 -28.67
CA PHE C 89 22.67 23.23 -30.00
C PHE C 89 21.17 23.05 -30.17
N GLY C 90 20.70 23.30 -31.38
CA GLY C 90 19.30 23.10 -31.72
C GLY C 90 18.94 21.65 -32.00
N GLN C 91 17.65 21.38 -32.00
CA GLN C 91 17.11 20.05 -32.23
C GLN C 91 17.71 19.57 -33.54
N PRO C 92 18.08 18.29 -33.62
CA PRO C 92 18.88 17.82 -34.76
C PRO C 92 18.20 18.03 -36.12
N ARG C 93 16.89 17.89 -36.21
CA ARG C 93 16.21 18.05 -37.49
C ARG C 93 16.37 19.46 -38.09
N LEU C 94 16.58 20.44 -37.22
CA LEU C 94 16.74 21.83 -37.63
C LEU C 94 18.02 22.12 -38.42
N GLY C 95 19.10 21.47 -38.05
CA GLY C 95 20.37 21.67 -38.72
C GLY C 95 21.08 22.96 -38.31
N VAL C 96 20.52 23.67 -37.35
CA VAL C 96 21.04 24.96 -36.90
C VAL C 96 22.33 24.92 -36.10
N GLY C 97 22.65 23.78 -35.50
CA GLY C 97 23.84 23.68 -34.68
C GLY C 97 23.80 24.63 -33.50
N VAL C 98 24.90 25.33 -33.24
CA VAL C 98 24.91 26.23 -32.09
C VAL C 98 24.08 27.47 -32.41
N MET C 99 23.01 27.67 -31.65
CA MET C 99 22.11 28.72 -32.02
CA MET C 99 22.04 28.67 -31.99
C MET C 99 21.90 29.65 -30.84
N GLN C 100 22.52 29.35 -29.71
CA GLN C 100 22.67 30.32 -28.63
C GLN C 100 23.99 30.12 -27.93
N THR C 101 24.52 31.22 -27.40
CA THR C 101 25.57 31.18 -26.41
C THR C 101 24.85 31.48 -25.11
N MET C 102 25.53 31.34 -23.99
CA MET C 102 24.90 31.69 -22.73
C MET C 102 24.59 33.18 -22.73
N LYS C 103 25.45 33.97 -23.36
CA LYS C 103 25.17 35.41 -23.42
C LYS C 103 23.91 35.75 -24.21
N THR C 104 23.77 35.21 -25.40
CA THR C 104 22.57 35.44 -26.20
C THR C 104 21.31 34.87 -25.53
N LEU C 105 21.49 33.78 -24.80
CA LEU C 105 20.38 33.12 -24.15
C LEU C 105 19.75 34.01 -23.08
N LYS C 106 20.49 35.02 -22.65
CA LYS C 106 19.98 35.93 -21.62
C LYS C 106 18.74 36.64 -22.14
N GLN C 107 18.65 36.76 -23.45
CA GLN C 107 17.51 37.39 -24.09
C GLN C 107 16.22 36.61 -23.87
N HIS C 108 16.37 35.31 -23.60
CA HIS C 108 15.21 34.43 -23.52
C HIS C 108 15.04 33.65 -22.22
N ILE C 109 16.05 33.70 -21.36
CA ILE C 109 16.08 32.87 -20.16
C ILE C 109 14.95 33.19 -19.19
N LYS C 110 14.47 34.41 -19.22
CA LYS C 110 13.39 34.84 -18.35
C LYS C 110 12.05 34.87 -19.07
N ASP C 111 11.95 34.17 -20.20
CA ASP C 111 10.71 34.09 -20.94
C ASP C 111 9.89 32.93 -20.38
N TYR C 112 9.17 33.22 -19.31
CA TYR C 112 8.40 32.24 -18.55
C TYR C 112 7.25 31.64 -19.35
N THR C 113 6.89 32.29 -20.45
CA THR C 113 5.90 31.73 -21.36
C THR C 113 6.39 30.46 -22.07
N GLU C 114 7.71 30.31 -22.23
CA GLU C 114 8.24 29.09 -22.82
C GLU C 114 7.95 27.93 -21.88
N PRO C 115 7.46 26.82 -22.42
CA PRO C 115 7.09 25.67 -21.59
C PRO C 115 8.28 25.12 -20.81
N ALA C 116 9.46 25.17 -21.42
CA ALA C 116 10.67 24.66 -20.76
C ALA C 116 11.03 25.42 -19.48
N ILE C 117 10.73 26.71 -19.45
CA ILE C 117 11.19 27.54 -18.36
C ILE C 117 10.17 27.69 -17.24
N GLN C 118 10.62 27.40 -16.04
CA GLN C 118 9.77 27.49 -14.86
C GLN C 118 10.41 28.41 -13.83
N LYS C 119 9.64 28.76 -12.81
CA LYS C 119 10.12 29.65 -11.77
C LYS C 119 10.48 28.81 -10.57
N TYR C 120 11.73 28.92 -10.12
CA TYR C 120 12.19 28.11 -9.02
C TYR C 120 11.37 28.36 -7.76
N TYR C 121 11.01 27.28 -7.08
CA TYR C 121 10.25 27.37 -5.84
C TYR C 121 10.93 26.55 -4.75
N PRO C 122 11.46 27.21 -3.73
CA PRO C 122 12.17 26.53 -2.66
C PRO C 122 11.30 25.54 -1.89
N GLY C 123 10.03 25.87 -1.72
CA GLY C 123 9.15 25.11 -0.85
C GLY C 123 8.95 23.66 -1.22
N THR C 124 8.90 23.39 -2.51
CA THR C 124 8.73 22.04 -3.01
C THR C 124 10.04 21.42 -3.48
N THR C 125 11.16 22.09 -3.20
CA THR C 125 12.47 21.58 -3.57
C THR C 125 12.95 20.76 -2.38
N ASN C 126 12.89 19.45 -2.53
CA ASN C 126 13.25 18.57 -1.44
C ASN C 126 14.73 18.15 -1.47
N LEU C 127 15.56 19.01 -0.89
CA LEU C 127 16.99 18.82 -0.82
C LEU C 127 17.49 19.23 0.55
N ASP C 128 18.69 18.79 0.89
CA ASP C 128 19.26 19.09 2.20
C ASP C 128 19.36 20.59 2.36
N GLU C 129 19.29 21.05 3.60
CA GLU C 129 19.36 22.46 3.89
C GLU C 129 20.69 23.02 3.38
N GLN C 130 21.76 22.31 3.64
CA GLN C 130 23.09 22.77 3.24
C GLN C 130 23.20 22.87 1.72
N LEU C 131 22.60 21.93 1.01
CA LEU C 131 22.67 21.95 -0.43
C LEU C 131 21.89 23.13 -0.99
N LYS C 132 20.74 23.43 -0.41
CA LYS C 132 19.97 24.57 -0.87
C LYS C 132 20.79 25.83 -0.65
N GLN C 133 21.49 25.89 0.45
CA GLN C 133 22.30 27.06 0.76
C GLN C 133 23.38 27.24 -0.30
N ARG C 134 24.02 26.15 -0.69
CA ARG C 134 25.04 26.20 -1.73
C ARG C 134 24.50 26.64 -3.08
N LEU C 135 23.30 26.21 -3.40
CA LEU C 135 22.71 26.57 -4.67
C LEU C 135 22.55 28.09 -4.73
N ASN C 136 22.25 28.70 -3.60
CA ASN C 136 22.13 30.16 -3.54
C ASN C 136 21.19 30.74 -4.59
N LEU C 137 20.00 30.18 -4.67
CA LEU C 137 19.01 30.61 -5.62
C LEU C 137 17.98 31.52 -4.97
N ALA C 138 17.24 32.24 -5.80
CA ALA C 138 16.18 33.11 -5.33
C ALA C 138 14.89 32.57 -5.90
N GLU C 139 13.81 32.69 -5.15
CA GLU C 139 12.54 32.21 -5.61
C GLU C 139 12.24 32.96 -6.90
N GLY C 140 11.77 32.23 -7.90
CA GLY C 140 11.48 32.79 -9.19
C GLY C 140 12.60 32.75 -10.21
N ASP C 141 13.79 32.31 -9.81
CA ASP C 141 14.90 32.19 -10.76
C ASP C 141 14.52 31.16 -11.80
N PRO C 142 14.93 31.36 -13.04
CA PRO C 142 14.57 30.39 -14.08
C PRO C 142 15.13 29.01 -13.77
N VAL C 143 14.33 27.98 -13.97
CA VAL C 143 14.77 26.61 -13.85
C VAL C 143 14.30 25.79 -15.05
N ILE C 144 15.16 24.92 -15.55
CA ILE C 144 14.80 24.10 -16.70
C ILE C 144 15.08 22.62 -16.43
N SER C 145 14.09 21.78 -16.69
CA SER C 145 14.25 20.34 -16.57
C SER C 145 15.08 19.81 -17.73
N MET C 146 16.14 19.07 -17.41
CA MET C 146 17.13 18.55 -18.32
CA MET C 146 17.06 18.52 -18.37
C MET C 146 17.35 17.11 -18.00
N GLY C 147 18.03 16.43 -18.87
CA GLY C 147 18.54 15.10 -18.63
C GLY C 147 19.80 14.86 -19.43
N ASP C 148 20.67 14.03 -18.88
CA ASP C 148 21.87 13.63 -19.59
C ASP C 148 21.53 12.51 -20.56
N THR C 149 22.52 12.03 -21.29
CA THR C 149 22.30 11.05 -22.34
C THR C 149 21.93 9.66 -21.80
N ASN C 150 22.05 9.49 -20.48
CA ASN C 150 21.62 8.25 -19.84
C ASN C 150 20.24 8.37 -19.25
N GLY C 151 19.58 9.51 -19.44
CA GLY C 151 18.28 9.72 -18.83
C GLY C 151 18.31 10.05 -17.35
N ARG C 152 19.42 10.62 -16.88
CA ARG C 152 19.53 11.02 -15.48
C ARG C 152 19.09 12.47 -15.39
N ARG C 153 17.96 12.68 -14.73
CA ARG C 153 17.33 13.99 -14.63
C ARG C 153 18.22 14.97 -13.87
N ALA C 154 18.17 16.21 -14.33
CA ALA C 154 19.00 17.30 -13.84
C ALA C 154 18.29 18.64 -14.02
N ALA C 155 18.88 19.71 -13.52
CA ALA C 155 18.29 21.02 -13.66
C ALA C 155 19.30 22.05 -14.11
N LEU C 156 18.87 22.96 -14.98
CA LEU C 156 19.68 24.10 -15.36
C LEU C 156 18.98 25.33 -14.78
N PHE C 157 19.71 26.08 -13.97
CA PHE C 157 19.18 27.28 -13.35
C PHE C 157 19.87 28.51 -13.92
N TYR C 158 19.18 29.63 -13.85
CA TYR C 158 19.82 30.90 -14.11
C TYR C 158 19.75 31.64 -12.77
N ARG C 159 20.90 31.82 -12.14
CA ARG C 159 20.94 32.52 -10.86
C ARG C 159 21.07 34.00 -11.19
N THR C 160 19.94 34.69 -11.13
CA THR C 160 19.84 36.07 -11.56
C THR C 160 20.74 37.01 -10.78
N SER C 161 20.99 36.71 -9.51
CA SER C 161 21.76 37.61 -8.68
C SER C 161 23.18 37.82 -9.21
N ASP C 162 23.80 36.77 -9.72
CA ASP C 162 25.12 36.91 -10.31
C ASP C 162 25.20 36.55 -11.80
N GLU C 163 24.04 36.43 -12.45
CA GLU C 163 23.92 36.15 -13.89
CA GLU C 163 23.96 36.19 -13.90
C GLU C 163 24.68 34.93 -14.32
N LYS C 164 24.58 33.89 -13.51
CA LYS C 164 25.27 32.63 -13.80
C LYS C 164 24.30 31.51 -14.14
N TYR C 165 24.66 30.72 -15.15
CA TYR C 165 23.87 29.56 -15.50
C TYR C 165 24.47 28.40 -14.72
N ILE C 166 23.65 27.79 -13.88
CA ILE C 166 24.12 26.76 -12.99
C ILE C 166 23.55 25.41 -13.39
N LEU C 167 24.42 24.46 -13.68
CA LEU C 167 23.97 23.13 -14.03
C LEU C 167 24.07 22.26 -12.79
N PHE C 168 22.94 21.72 -12.35
CA PHE C 168 22.87 20.97 -11.11
C PHE C 168 22.49 19.53 -11.38
N PHE C 169 23.36 18.60 -10.97
CA PHE C 169 23.15 17.19 -11.22
C PHE C 169 23.90 16.33 -10.22
N SER C 170 23.52 15.07 -10.11
CA SER C 170 24.24 14.16 -9.24
C SER C 170 25.11 13.22 -10.06
N THR C 171 26.08 12.61 -9.40
CA THR C 171 26.92 11.58 -9.98
C THR C 171 26.88 10.37 -9.06
N THR C 172 27.11 9.19 -9.64
CA THR C 172 27.11 7.93 -8.89
C THR C 172 28.28 7.83 -7.92
N GLU C 173 29.37 8.53 -8.23
CA GLU C 173 30.59 8.47 -7.42
C GLU C 173 31.25 9.83 -7.35
N ASP C 174 32.26 9.94 -6.50
CA ASP C 174 32.98 11.18 -6.26
C ASP C 174 33.56 11.65 -7.58
N PRO C 175 33.27 12.88 -7.99
CA PRO C 175 33.82 13.45 -9.22
C PRO C 175 35.28 13.83 -9.05
N GLY C 176 35.74 13.81 -7.79
CA GLY C 176 37.08 14.21 -7.44
C GLY C 176 37.09 15.60 -6.82
N ALA C 177 38.07 15.85 -5.95
CA ALA C 177 38.18 17.12 -5.27
C ALA C 177 38.39 18.26 -6.27
N GLN C 178 39.09 17.96 -7.35
CA GLN C 178 39.32 18.93 -8.41
C GLN C 178 38.50 18.61 -9.66
N TYR C 179 37.50 17.76 -9.50
CA TYR C 179 36.63 17.37 -10.60
C TYR C 179 37.38 16.62 -11.69
N GLN C 180 38.51 16.03 -11.31
CA GLN C 180 39.36 15.26 -12.22
C GLN C 180 38.70 14.00 -12.78
N ASN C 181 37.89 13.33 -11.98
CA ASN C 181 37.19 12.11 -12.38
C ASN C 181 36.04 12.27 -13.37
N LEU C 182 35.38 13.40 -13.33
CA LEU C 182 34.12 13.54 -14.05
C LEU C 182 34.30 13.72 -15.55
N LYS C 183 33.66 12.85 -16.31
CA LYS C 183 33.67 13.00 -17.75
C LYS C 183 32.26 13.46 -18.12
N MET C 184 32.13 14.72 -18.50
CA MET C 184 30.82 15.31 -18.77
C MET C 184 30.08 14.71 -19.95
N LEU C 185 28.76 14.73 -19.83
CA LEU C 185 27.84 14.25 -20.85
C LEU C 185 27.04 15.44 -21.36
N TYR C 186 26.45 15.28 -22.54
CA TYR C 186 25.55 16.28 -23.09
C TYR C 186 24.29 16.28 -22.24
N PHE C 187 23.65 17.43 -22.13
CA PHE C 187 22.38 17.55 -21.45
C PHE C 187 21.37 18.06 -22.45
N TRP C 188 20.17 17.49 -22.42
CA TRP C 188 19.10 17.88 -23.32
C TRP C 188 17.84 18.22 -22.52
N ASN C 189 17.02 19.14 -23.03
CA ASN C 189 15.81 19.49 -22.29
C ASN C 189 14.84 18.31 -22.18
N TRP C 190 14.21 18.20 -21.02
CA TRP C 190 13.35 17.07 -20.72
C TRP C 190 11.96 17.63 -20.39
N SER C 191 10.99 17.27 -21.22
CA SER C 191 9.63 17.78 -21.08
C SER C 191 9.01 17.40 -19.74
N TYR C 192 8.25 18.32 -19.17
CA TYR C 192 7.65 18.09 -17.85
C TYR C 192 6.66 16.94 -17.84
N SER C 193 6.15 16.56 -19.01
CA SER C 193 5.22 15.45 -19.11
C SER C 193 5.86 14.09 -19.42
N ASP C 194 7.18 14.05 -19.54
CA ASP C 194 7.88 12.82 -19.90
C ASP C 194 8.46 12.08 -18.71
N THR C 195 8.27 10.76 -18.73
CA THR C 195 8.90 9.86 -17.80
C THR C 195 10.32 9.67 -18.34
N LYS C 196 11.16 8.97 -17.60
CA LYS C 196 12.52 8.74 -18.06
C LYS C 196 12.53 7.95 -19.36
N GLN C 197 11.67 6.94 -19.46
CA GLN C 197 11.63 6.15 -20.67
C GLN C 197 11.18 6.99 -21.85
N GLN C 198 10.21 7.85 -21.64
CA GLN C 198 9.73 8.74 -22.68
C GLN C 198 10.81 9.72 -23.11
N PHE C 199 11.57 10.24 -22.15
CA PHE C 199 12.64 11.16 -22.50
C PHE C 199 13.66 10.47 -23.40
N LEU C 200 14.10 9.29 -23.01
CA LEU C 200 15.06 8.53 -23.82
C LEU C 200 14.50 8.14 -25.20
N ASP C 201 13.23 7.74 -25.24
CA ASP C 201 12.61 7.38 -26.51
C ASP C 201 12.50 8.57 -27.46
N HIS C 202 12.08 9.70 -26.91
CA HIS C 202 11.95 10.95 -27.65
C HIS C 202 13.27 11.58 -28.11
N LEU C 203 14.31 11.43 -27.30
CA LEU C 203 15.57 12.09 -27.57
C LEU C 203 16.24 11.65 -28.87
N ARG C 204 16.66 12.63 -29.66
CA ARG C 204 17.47 12.39 -30.84
C ARG C 204 18.74 13.23 -30.68
N THR C 205 19.89 12.67 -31.00
CA THR C 205 21.14 13.40 -30.91
C THR C 205 21.91 13.46 -32.24
N VAL C 206 21.33 12.88 -33.28
CA VAL C 206 21.95 12.82 -34.59
C VAL C 206 20.89 13.21 -35.60
N GLN C 207 21.28 14.05 -36.55
CA GLN C 207 20.38 14.45 -37.62
C GLN C 207 20.38 13.36 -38.70
N PHE C 208 19.19 12.96 -39.16
CA PHE C 208 19.09 11.96 -40.21
C PHE C 208 18.43 12.52 -41.46
N SER D 1 -7.62 28.20 -4.29
CA SER D 1 -7.99 27.01 -5.04
C SER D 1 -7.33 25.74 -4.48
N ILE D 2 -6.85 25.83 -3.24
CA ILE D 2 -6.21 24.71 -2.58
C ILE D 2 -7.17 24.15 -1.53
N TYR D 3 -7.61 22.93 -1.74
CA TYR D 3 -8.56 22.27 -0.84
C TYR D 3 -8.04 21.01 -0.15
N LEU D 4 -6.85 20.55 -0.52
CA LEU D 4 -6.26 19.36 0.13
C LEU D 4 -4.98 19.76 0.87
N PRO D 5 -4.80 19.24 2.07
CA PRO D 5 -5.73 18.33 2.75
C PRO D 5 -7.02 19.04 3.16
N LEU D 6 -8.11 18.30 3.21
CA LEU D 6 -9.44 18.87 3.41
C LEU D 6 -9.61 19.67 4.69
N PRO D 7 -8.97 19.28 5.77
CA PRO D 7 -9.17 20.02 7.03
C PRO D 7 -8.76 21.48 6.85
N GLN D 8 -7.82 21.74 5.95
CA GLN D 8 -7.34 23.11 5.75
C GLN D 8 -8.17 23.94 4.77
N ALA D 9 -9.07 23.32 4.03
CA ALA D 9 -9.80 24.03 2.99
C ALA D 9 -10.68 25.17 3.50
N ASP D 10 -10.75 26.23 2.72
CA ASP D 10 -11.65 27.33 3.01
C ASP D 10 -13.08 26.82 2.86
N ASP D 11 -14.00 27.40 3.62
CA ASP D 11 -15.39 27.01 3.60
C ASP D 11 -15.94 27.30 2.23
N GLN D 12 -16.93 26.53 1.81
CA GLN D 12 -17.59 26.74 0.54
C GLN D 12 -19.09 26.61 0.76
N TYR D 13 -19.87 27.39 0.03
CA TYR D 13 -21.30 27.28 0.10
C TYR D 13 -21.71 25.94 -0.49
N THR D 14 -22.56 25.20 0.22
CA THR D 14 -23.19 24.00 -0.31
C THR D 14 -24.70 24.22 -0.19
N PRO D 15 -25.44 23.91 -1.25
CA PRO D 15 -26.87 24.26 -1.36
C PRO D 15 -27.83 23.60 -0.38
N TYR D 16 -27.61 22.32 -0.08
CA TYR D 16 -28.49 21.54 0.78
C TYR D 16 -27.66 20.53 1.55
N PHE D 17 -28.27 19.87 2.53
CA PHE D 17 -27.56 18.89 3.34
C PHE D 17 -27.08 17.78 2.41
N VAL D 18 -27.97 17.28 1.57
CA VAL D 18 -27.63 16.32 0.52
C VAL D 18 -28.08 16.92 -0.82
N TYR D 19 -27.21 16.87 -1.83
CA TYR D 19 -27.55 17.42 -3.12
C TYR D 19 -26.97 16.59 -4.26
N ASN D 20 -27.54 16.78 -5.44
CA ASN D 20 -27.12 16.05 -6.64
C ASN D 20 -26.03 16.74 -7.46
N PHE D 21 -25.74 16.20 -8.64
CA PHE D 21 -24.65 16.68 -9.46
C PHE D 21 -24.82 18.13 -9.88
N GLN D 22 -26.06 18.59 -9.88
CA GLN D 22 -26.41 19.95 -10.26
C GLN D 22 -26.72 20.85 -9.08
N GLY D 23 -26.50 20.36 -7.87
CA GLY D 23 -26.80 21.17 -6.70
C GLY D 23 -28.26 21.16 -6.26
N GLU D 24 -29.06 20.23 -6.80
CA GLU D 24 -30.45 20.12 -6.42
C GLU D 24 -30.64 19.29 -5.16
N ARG D 25 -31.62 19.64 -4.35
CA ARG D 25 -31.83 18.95 -3.08
C ARG D 25 -32.22 17.50 -3.20
N VAL D 26 -31.67 16.69 -2.30
CA VAL D 26 -32.06 15.30 -2.16
C VAL D 26 -32.59 15.15 -0.73
N SER D 27 -33.82 14.69 -0.60
CA SER D 27 -34.46 14.56 0.71
C SER D 27 -33.76 13.56 1.60
N THR D 28 -33.73 13.84 2.90
CA THR D 28 -33.07 12.98 3.87
C THR D 28 -34.05 12.03 4.59
N THR D 29 -35.25 11.89 4.06
CA THR D 29 -36.24 11.02 4.68
C THR D 29 -35.82 9.56 4.71
N GLU D 30 -35.28 9.08 3.61
CA GLU D 30 -34.90 7.68 3.50
C GLU D 30 -33.55 7.31 4.10
N THR D 31 -33.46 6.05 4.46
CA THR D 31 -32.23 5.47 4.93
C THR D 31 -31.20 5.50 3.81
N GLY D 32 -29.95 5.70 4.20
CA GLY D 32 -28.83 5.65 3.28
C GLY D 32 -28.67 6.74 2.25
N VAL D 33 -29.19 7.93 2.54
CA VAL D 33 -29.03 9.09 1.64
CA VAL D 33 -28.98 9.04 1.58
C VAL D 33 -27.73 9.84 1.86
N PHE D 34 -27.10 9.62 3.01
CA PHE D 34 -25.75 10.09 3.25
C PHE D 34 -24.93 9.14 4.11
N CYS D 35 -23.63 9.17 3.87
CA CYS D 35 -22.67 8.34 4.56
C CYS D 35 -21.60 9.18 5.21
N LEU D 36 -21.36 8.93 6.49
CA LEU D 36 -20.30 9.61 7.21
C LEU D 36 -19.02 8.78 7.14
N ALA D 37 -17.98 9.38 6.57
CA ALA D 37 -16.67 8.76 6.49
C ALA D 37 -15.71 9.66 7.26
N ALA D 38 -14.88 9.07 8.13
CA ALA D 38 -13.97 9.87 8.93
C ALA D 38 -12.80 9.07 9.45
N ILE D 39 -11.76 9.77 9.87
CA ILE D 39 -10.81 9.23 10.86
CA ILE D 39 -10.82 9.23 10.85
C ILE D 39 -11.25 10.05 12.09
N PRO D 40 -11.96 9.42 13.01
CA PRO D 40 -12.39 10.14 14.21
C PRO D 40 -11.21 10.45 15.09
N ALA D 41 -11.36 11.43 15.97
CA ALA D 41 -10.33 11.78 16.92
C ALA D 41 -10.85 11.40 18.29
N ALA D 42 -9.99 10.83 19.11
CA ALA D 42 -10.38 10.37 20.43
C ALA D 42 -9.52 11.04 21.49
N THR D 43 -10.08 11.18 22.67
CA THR D 43 -9.39 11.70 23.83
C THR D 43 -9.63 10.75 24.98
N THR D 44 -9.07 11.11 26.12
CA THR D 44 -9.19 10.31 27.33
C THR D 44 -10.64 10.21 27.79
N SER D 45 -11.50 11.11 27.32
CA SER D 45 -12.90 11.08 27.70
C SER D 45 -13.77 10.30 26.73
N SER D 46 -13.17 9.86 25.62
CA SER D 46 -13.93 9.15 24.59
C SER D 46 -14.53 7.81 24.97
N ARG D 47 -13.79 7.01 25.74
CA ARG D 47 -14.23 5.68 26.08
C ARG D 47 -14.91 5.65 27.43
N TYR D 48 -16.16 5.21 27.43
CA TYR D 48 -16.91 5.04 28.66
C TYR D 48 -17.24 3.57 28.82
N ASN D 49 -16.87 2.99 29.95
CA ASN D 49 -17.08 1.57 30.20
C ASN D 49 -18.08 1.30 31.34
N ASN D 50 -19.30 0.98 30.96
CA ASN D 50 -20.29 0.44 31.87
C ASN D 50 -21.42 -0.24 31.11
N GLN D 51 -21.91 -1.36 31.61
CA GLN D 51 -23.03 -1.99 30.95
C GLN D 51 -24.30 -1.14 31.11
N ILE D 52 -24.97 -0.89 29.99
CA ILE D 52 -26.27 -0.23 29.98
C ILE D 52 -27.20 -1.13 29.20
N THR D 53 -28.27 -1.60 29.84
CA THR D 53 -29.08 -2.73 29.28
CA THR D 53 -29.04 -2.73 29.24
C THR D 53 -30.22 -2.23 28.37
N ILE D 54 -30.77 -1.07 28.64
CA ILE D 54 -31.83 -0.54 27.78
C ILE D 54 -31.57 0.93 27.42
N PRO D 55 -30.49 1.16 26.69
CA PRO D 55 -30.10 2.51 26.26
C PRO D 55 -30.99 3.10 25.17
N SER D 56 -31.14 4.41 25.19
CA SER D 56 -31.87 5.11 24.14
C SER D 56 -31.38 6.53 23.91
N ILE D 57 -31.70 7.08 22.74
CA ILE D 57 -31.41 8.46 22.45
C ILE D 57 -32.74 9.20 22.29
N GLY D 58 -32.93 10.26 23.06
CA GLY D 58 -34.17 10.98 23.01
C GLY D 58 -34.14 12.16 22.06
N TYR D 59 -35.26 12.41 21.42
CA TYR D 59 -35.41 13.57 20.55
C TYR D 59 -36.84 14.06 20.62
N ARG D 60 -37.05 15.33 20.26
CA ARG D 60 -38.39 15.91 20.32
C ARG D 60 -39.24 15.43 19.16
N GLY D 66 -41.16 14.69 22.80
CA GLY D 66 -40.33 13.79 23.56
C GLY D 66 -40.50 12.33 23.18
N THR D 67 -39.64 11.85 22.29
CA THR D 67 -39.66 10.46 21.82
C THR D 67 -38.21 9.95 21.77
N LEU D 68 -37.99 8.75 21.25
CA LEU D 68 -36.65 8.18 21.27
C LEU D 68 -36.41 7.09 20.23
N PHE D 69 -35.13 6.77 20.02
CA PHE D 69 -34.73 5.58 19.30
C PHE D 69 -33.84 4.74 20.20
N LEU D 70 -34.10 3.44 20.21
CA LEU D 70 -33.36 2.50 21.02
C LEU D 70 -32.00 2.12 20.43
N LEU D 71 -31.08 1.76 21.31
CA LEU D 71 -29.76 1.28 20.94
C LEU D 71 -29.55 -0.10 21.53
N ASP D 72 -28.58 -0.83 21.00
CA ASP D 72 -28.24 -2.14 21.51
C ASP D 72 -27.60 -2.03 22.90
N ALA D 73 -27.90 -2.99 23.75
CA ALA D 73 -27.29 -3.05 25.06
C ALA D 73 -25.79 -3.26 24.86
N ALA D 74 -24.98 -2.58 25.65
CA ALA D 74 -23.54 -2.66 25.52
C ALA D 74 -22.81 -2.18 26.76
N SER D 75 -21.53 -2.48 26.86
CA SER D 75 -20.65 -2.03 27.96
CA SER D 75 -20.69 -1.97 27.96
C SER D 75 -19.58 -1.12 27.47
N TRP D 76 -19.30 -1.05 26.18
CA TRP D 76 -18.27 -0.11 25.74
C TRP D 76 -18.88 1.01 24.92
N TRP D 77 -18.84 2.23 25.45
CA TRP D 77 -19.48 3.37 24.83
C TRP D 77 -18.44 4.35 24.33
N ASN D 78 -18.64 4.83 23.11
CA ASN D 78 -17.65 5.68 22.49
C ASN D 78 -18.19 7.04 22.07
N ILE D 79 -17.50 8.08 22.47
CA ILE D 79 -17.83 9.45 22.08
C ILE D 79 -16.65 9.96 21.30
N LEU D 80 -16.77 9.97 19.97
CA LEU D 80 -15.68 10.34 19.09
C LEU D 80 -15.95 11.62 18.31
N ASP D 81 -14.95 12.47 18.23
CA ASP D 81 -15.05 13.73 17.51
C ASP D 81 -14.73 13.45 16.05
N VAL D 82 -15.66 13.75 15.15
CA VAL D 82 -15.41 13.58 13.71
C VAL D 82 -15.27 14.92 12.96
N THR D 83 -15.12 16.00 13.70
CA THR D 83 -15.05 17.32 13.09
C THR D 83 -13.85 17.54 12.20
N GLN D 84 -12.69 17.10 12.64
CA GLN D 84 -11.44 17.36 11.92
C GLN D 84 -11.36 16.75 10.53
N THR D 85 -11.73 15.48 10.39
CA THR D 85 -11.62 14.80 9.10
C THR D 85 -12.91 14.30 8.47
N GLY D 86 -14.03 14.40 9.18
CA GLY D 86 -15.27 13.87 8.68
C GLY D 86 -15.79 14.51 7.40
N VAL D 87 -16.35 13.66 6.53
CA VAL D 87 -16.98 14.10 5.30
C VAL D 87 -18.27 13.32 5.09
N LEU D 88 -19.15 13.83 4.24
CA LEU D 88 -20.36 13.09 3.88
C LEU D 88 -20.33 12.73 2.40
N PHE D 89 -20.54 11.45 2.10
CA PHE D 89 -20.75 10.96 0.74
C PHE D 89 -22.26 10.95 0.52
N GLY D 90 -22.68 11.31 -0.69
CA GLY D 90 -24.07 11.24 -1.08
C GLY D 90 -24.49 9.84 -1.46
N GLN D 91 -25.80 9.64 -1.51
CA GLN D 91 -26.42 8.36 -1.80
C GLN D 91 -25.83 7.81 -3.08
N PRO D 92 -25.62 6.50 -3.15
CA PRO D 92 -24.85 5.93 -4.26
C PRO D 92 -25.42 6.22 -5.64
N ARG D 93 -26.74 6.24 -5.77
CA ARG D 93 -27.33 6.48 -7.07
C ARG D 93 -26.94 7.83 -7.63
N LEU D 94 -26.62 8.77 -6.75
CA LEU D 94 -26.26 10.13 -7.14
C LEU D 94 -24.95 10.27 -7.90
N GLY D 95 -23.98 9.43 -7.56
CA GLY D 95 -22.66 9.52 -8.16
C GLY D 95 -22.03 10.86 -7.83
N VAL D 96 -22.49 11.46 -6.74
CA VAL D 96 -22.03 12.78 -6.36
C VAL D 96 -20.75 12.79 -5.49
N GLY D 97 -20.46 11.65 -4.87
CA GLY D 97 -19.31 11.52 -3.99
C GLY D 97 -19.31 12.38 -2.74
N VAL D 98 -18.15 12.89 -2.34
CA VAL D 98 -18.11 13.72 -1.15
C VAL D 98 -18.73 15.09 -1.42
N MET D 99 -19.82 15.36 -0.74
CA MET D 99 -20.48 16.62 -0.94
CA MET D 99 -20.64 16.57 -0.89
C MET D 99 -20.52 17.55 0.26
N GLN D 100 -20.05 17.09 1.41
CA GLN D 100 -19.86 18.01 2.53
C GLN D 100 -18.63 17.63 3.29
N THR D 101 -18.03 18.64 3.91
CA THR D 101 -17.05 18.45 4.96
C THR D 101 -17.84 18.80 6.21
N MET D 102 -17.28 18.56 7.38
CA MET D 102 -17.99 18.94 8.58
C MET D 102 -18.14 20.47 8.63
N LYS D 103 -17.15 21.19 8.13
CA LYS D 103 -17.23 22.64 8.10
C LYS D 103 -18.37 23.15 7.23
N THR D 104 -18.48 22.64 6.00
CA THR D 104 -19.58 23.03 5.13
C THR D 104 -20.93 22.56 5.67
N LEU D 105 -20.93 21.44 6.38
CA LEU D 105 -22.16 20.87 6.93
C LEU D 105 -22.80 21.78 7.99
N LYS D 106 -22.00 22.69 8.53
CA LYS D 106 -22.49 23.60 9.54
C LYS D 106 -23.58 24.48 8.96
N GLN D 107 -23.57 24.64 7.65
CA GLN D 107 -24.58 25.43 6.96
C GLN D 107 -25.95 24.77 7.04
N HIS D 108 -25.96 23.45 7.24
CA HIS D 108 -27.19 22.69 7.21
C HIS D 108 -27.56 21.90 8.46
N ILE D 109 -26.62 21.82 9.39
CA ILE D 109 -26.78 20.96 10.57
C ILE D 109 -27.93 21.36 11.50
N LYS D 110 -28.29 22.63 11.46
CA LYS D 110 -29.38 23.15 12.27
C LYS D 110 -30.67 23.29 11.46
N ASP D 111 -30.74 22.64 10.31
CA ASP D 111 -31.95 22.68 9.48
C ASP D 111 -32.91 21.60 9.93
N TYR D 112 -33.71 21.93 10.93
CA TYR D 112 -34.61 20.99 11.58
C TYR D 112 -35.76 20.55 10.70
N THR D 113 -35.95 21.26 9.59
CA THR D 113 -36.91 20.87 8.57
C THR D 113 -36.47 19.61 7.82
N GLU D 114 -35.17 19.34 7.84
CA GLU D 114 -34.67 18.12 7.21
C GLU D 114 -35.13 16.94 8.03
N PRO D 115 -35.66 15.92 7.40
CA PRO D 115 -36.19 14.77 8.12
C PRO D 115 -35.15 14.05 8.99
N ALA D 116 -33.91 13.99 8.53
CA ALA D 116 -32.84 13.32 9.25
C ALA D 116 -32.50 13.97 10.59
N ILE D 117 -32.67 15.28 10.68
CA ILE D 117 -32.24 16.04 11.83
C ILE D 117 -33.34 16.26 12.86
N GLN D 118 -33.05 15.88 14.09
CA GLN D 118 -34.00 16.02 15.18
C GLN D 118 -33.37 16.84 16.30
N LYS D 119 -34.22 17.33 17.20
CA LYS D 119 -33.73 18.11 18.33
C LYS D 119 -33.50 17.20 19.53
N TYR D 120 -32.30 17.22 20.09
CA TYR D 120 -31.97 16.34 21.19
C TYR D 120 -32.87 16.61 22.39
N TYR D 121 -33.38 15.55 23.00
CA TYR D 121 -34.20 15.68 24.20
C TYR D 121 -33.68 14.77 25.31
N PRO D 122 -33.15 15.39 26.35
CA PRO D 122 -32.58 14.65 27.48
C PRO D 122 -33.62 13.78 28.18
N GLY D 123 -34.88 14.20 28.17
CA GLY D 123 -35.93 13.55 28.91
C GLY D 123 -36.15 12.10 28.56
N THR D 124 -36.04 11.79 27.27
CA THR D 124 -36.25 10.45 26.76
C THR D 124 -34.94 9.71 26.43
N THR D 125 -33.82 10.28 26.83
CA THR D 125 -32.53 9.64 26.61
C THR D 125 -32.25 8.80 27.84
N ASN D 126 -32.30 7.48 27.70
CA ASN D 126 -32.05 6.59 28.81
C ASN D 126 -30.60 6.09 28.73
N LEU D 127 -29.72 6.75 29.48
CA LEU D 127 -28.30 6.44 29.54
C LEU D 127 -27.81 6.70 30.95
N ASP D 128 -26.63 6.19 31.28
CA ASP D 128 -26.05 6.39 32.60
C ASP D 128 -25.83 7.87 32.84
N GLU D 129 -25.91 8.27 34.10
CA GLU D 129 -25.75 9.67 34.44
C GLU D 129 -24.39 10.17 33.99
N GLN D 130 -23.34 9.38 34.22
CA GLN D 130 -22.00 9.78 33.84
C GLN D 130 -21.87 9.93 32.32
N LEU D 131 -22.51 9.05 31.58
CA LEU D 131 -22.43 9.08 30.13
C LEU D 131 -23.11 10.33 29.58
N LYS D 132 -24.26 10.69 30.15
CA LYS D 132 -24.96 11.89 29.72
C LYS D 132 -24.06 13.09 29.98
N GLN D 133 -23.35 13.06 31.10
CA GLN D 133 -22.42 14.13 31.43
C GLN D 133 -21.26 14.20 30.43
N ARG D 134 -20.75 13.06 30.00
CA ARG D 134 -19.68 13.02 29.00
C ARG D 134 -20.12 13.59 27.64
N LEU D 135 -21.34 13.26 27.25
CA LEU D 135 -21.88 13.73 26.00
C LEU D 135 -21.98 15.25 26.01
N ASN D 136 -22.33 15.81 27.16
CA ASN D 136 -22.38 17.26 27.35
C ASN D 136 -23.21 17.97 26.30
N LEU D 137 -24.41 17.44 26.04
CA LEU D 137 -25.30 18.02 25.05
C LEU D 137 -26.28 18.99 25.68
N ALA D 138 -26.87 19.85 24.86
CA ALA D 138 -27.88 20.78 25.31
C ALA D 138 -29.17 20.42 24.61
N GLU D 139 -30.29 20.62 25.28
CA GLU D 139 -31.55 20.26 24.67
C GLU D 139 -31.62 21.09 23.39
N GLY D 140 -32.10 20.45 22.34
CA GLY D 140 -32.23 21.06 21.02
C GLY D 140 -31.03 20.93 20.11
N ASP D 141 -29.94 20.37 20.61
CA ASP D 141 -28.77 20.15 19.78
C ASP D 141 -29.15 19.17 18.69
N PRO D 142 -28.58 19.34 17.50
CA PRO D 142 -28.93 18.44 16.41
C PRO D 142 -28.53 16.99 16.71
N VAL D 143 -29.43 16.06 16.44
CA VAL D 143 -29.14 14.65 16.57
C VAL D 143 -29.60 13.93 15.31
N ILE D 144 -28.75 13.06 14.78
CA ILE D 144 -29.11 12.28 13.61
C ILE D 144 -28.98 10.78 13.86
N SER D 145 -30.05 10.03 13.61
CA SER D 145 -30.04 8.59 13.73
C SER D 145 -29.20 7.97 12.59
N MET D 146 -28.26 7.12 12.95
CA MET D 146 -27.31 6.51 12.06
CA MET D 146 -27.38 6.49 12.02
C MET D 146 -27.30 5.04 12.31
N GLY D 147 -26.65 4.30 11.43
CA GLY D 147 -26.28 2.93 11.66
C GLY D 147 -24.97 2.63 10.98
N ASP D 148 -24.22 1.69 11.55
CA ASP D 148 -23.03 1.20 10.90
C ASP D 148 -23.45 0.13 9.88
N THR D 149 -22.48 -0.42 9.18
CA THR D 149 -22.75 -1.36 8.11
C THR D 149 -23.27 -2.71 8.62
N ASN D 150 -23.22 -2.92 9.93
CA ASN D 150 -23.78 -4.12 10.54
C ASN D 150 -25.19 -3.89 11.04
N GLY D 151 -25.71 -2.69 10.82
CA GLY D 151 -27.02 -2.35 11.34
C GLY D 151 -27.05 -2.07 12.84
N ARG D 152 -25.93 -1.62 13.39
CA ARG D 152 -25.87 -1.29 14.80
C ARG D 152 -26.17 0.19 14.94
N ARG D 153 -27.29 0.51 15.57
CA ARG D 153 -27.76 1.88 15.71
C ARG D 153 -26.80 2.78 16.49
N ALA D 154 -26.71 4.01 16.03
CA ALA D 154 -25.79 5.00 16.59
C ALA D 154 -26.36 6.40 16.38
N ALA D 155 -25.68 7.39 16.93
CA ALA D 155 -26.13 8.76 16.79
C ALA D 155 -25.00 9.67 16.40
N LEU D 156 -25.31 10.65 15.55
CA LEU D 156 -24.38 11.71 15.26
C LEU D 156 -24.99 12.97 15.86
N PHE D 157 -24.23 13.61 16.75
CA PHE D 157 -24.68 14.84 17.39
C PHE D 157 -23.84 16.01 16.93
N TYR D 158 -24.43 17.20 16.96
CA TYR D 158 -23.67 18.40 16.78
C TYR D 158 -23.77 19.10 18.12
N ARG D 159 -22.66 19.20 18.85
CA ARG D 159 -22.72 19.85 20.14
C ARG D 159 -22.46 21.32 19.87
N THR D 160 -23.53 22.10 19.93
CA THR D 160 -23.50 23.50 19.53
C THR D 160 -22.52 24.33 20.36
N SER D 161 -22.38 24.01 21.63
CA SER D 161 -21.54 24.81 22.52
C SER D 161 -20.09 24.89 22.07
N ASP D 162 -19.51 23.79 21.61
CA ASP D 162 -18.15 23.82 21.10
C ASP D 162 -18.04 23.53 19.60
N GLU D 163 -19.19 23.50 18.93
CA GLU D 163 -19.24 23.26 17.48
C GLU D 163 -18.55 21.96 17.06
N LYS D 164 -18.79 20.91 17.81
CA LYS D 164 -18.17 19.61 17.53
C LYS D 164 -19.20 18.56 17.11
N TYR D 165 -18.83 17.81 16.07
CA TYR D 165 -19.67 16.73 15.62
C TYR D 165 -19.21 15.51 16.40
N ILE D 166 -20.15 14.91 17.12
CA ILE D 166 -19.86 13.80 17.99
C ILE D 166 -20.55 12.55 17.49
N LEU D 167 -19.76 11.52 17.19
CA LEU D 167 -20.32 10.24 16.78
C LEU D 167 -20.34 9.37 18.03
N PHE D 168 -21.55 8.95 18.39
CA PHE D 168 -21.77 8.17 19.60
C PHE D 168 -22.26 6.79 19.22
N PHE D 169 -21.48 5.79 19.64
CA PHE D 169 -21.79 4.40 19.32
C PHE D 169 -21.15 3.46 20.34
N SER D 170 -21.66 2.25 20.41
CA SER D 170 -21.08 1.23 21.27
C SER D 170 -20.34 0.19 20.44
N THR D 171 -19.44 -0.51 21.11
CA THR D 171 -18.68 -1.60 20.52
C THR D 171 -18.82 -2.82 21.42
N THR D 172 -18.78 -4.00 20.83
CA THR D 172 -18.85 -5.26 21.58
C THR D 172 -17.63 -5.50 22.48
N GLU D 173 -16.48 -4.96 22.10
CA GLU D 173 -15.25 -5.13 22.87
C GLU D 173 -14.48 -3.82 23.10
N ASP D 174 -13.54 -3.86 24.05
CA ASP D 174 -12.76 -2.70 24.41
C ASP D 174 -12.06 -2.25 23.16
N PRO D 175 -12.27 -0.99 22.79
CA PRO D 175 -11.62 -0.40 21.63
C PRO D 175 -10.16 -0.13 21.95
N GLY D 176 -9.83 -0.28 23.23
CA GLY D 176 -8.50 -0.01 23.73
C GLY D 176 -8.33 1.37 24.33
N ALA D 177 -7.33 1.52 25.19
CA ALA D 177 -7.06 2.76 25.91
C ALA D 177 -6.73 3.92 24.99
N GLN D 178 -6.04 3.63 23.90
CA GLN D 178 -5.69 4.64 22.93
C GLN D 178 -6.46 4.40 21.64
N TYR D 179 -7.54 3.64 21.74
CA TYR D 179 -8.38 3.29 20.60
C TYR D 179 -7.61 2.45 19.57
N GLN D 180 -6.59 1.76 20.02
CA GLN D 180 -5.75 0.94 19.14
C GLN D 180 -6.48 -0.23 18.48
N ASN D 181 -7.39 -0.85 19.21
CA ASN D 181 -8.20 -1.97 18.73
C ASN D 181 -9.28 -1.67 17.69
N LEU D 182 -9.88 -0.51 17.79
CA LEU D 182 -11.07 -0.22 17.01
C LEU D 182 -10.79 -0.07 15.52
N LYS D 183 -11.52 -0.83 14.72
CA LYS D 183 -11.44 -0.69 13.28
C LYS D 183 -12.77 -0.11 12.82
N MET D 184 -12.75 1.17 12.44
CA MET D 184 -13.94 1.92 12.12
C MET D 184 -14.71 1.43 10.90
N LEU D 185 -16.02 1.58 10.98
CA LEU D 185 -16.95 1.23 9.93
C LEU D 185 -17.60 2.50 9.41
N TYR D 186 -18.16 2.42 8.22
CA TYR D 186 -18.91 3.51 7.66
C TYR D 186 -20.22 3.63 8.42
N PHE D 187 -20.73 4.85 8.53
CA PHE D 187 -22.03 5.08 9.13
C PHE D 187 -22.94 5.74 8.12
N TRP D 188 -24.19 5.30 8.06
CA TRP D 188 -25.16 5.79 7.11
C TRP D 188 -26.40 6.24 7.86
N ASN D 189 -27.11 7.23 7.34
CA ASN D 189 -28.32 7.67 8.03
C ASN D 189 -29.39 6.59 8.06
N TRP D 190 -30.10 6.53 9.18
CA TRP D 190 -31.09 5.50 9.42
C TRP D 190 -32.43 6.18 9.67
N SER D 191 -33.38 5.94 8.79
CA SER D 191 -34.69 6.58 8.86
C SER D 191 -35.39 6.26 10.16
N TYR D 192 -36.10 7.24 10.70
CA TYR D 192 -36.76 7.09 11.99
C TYR D 192 -37.85 6.02 11.96
N SER D 193 -38.35 5.73 10.78
CA SER D 193 -39.41 4.74 10.61
C SER D 193 -38.91 3.33 10.29
N ASP D 194 -37.59 3.17 10.22
CA ASP D 194 -37.01 1.88 9.86
C ASP D 194 -36.59 1.03 11.05
N THR D 195 -36.91 -0.26 10.98
CA THR D 195 -36.41 -1.25 11.91
C THR D 195 -34.99 -1.58 11.47
N LYS D 196 -34.27 -2.39 12.24
CA LYS D 196 -32.93 -2.76 11.86
C LYS D 196 -32.95 -3.54 10.55
N GLN D 197 -33.91 -4.45 10.40
CA GLN D 197 -33.99 -5.21 9.16
C GLN D 197 -34.26 -4.30 7.96
N GLN D 198 -35.15 -3.34 8.14
CA GLN D 198 -35.45 -2.39 7.07
C GLN D 198 -34.24 -1.53 6.73
N PHE D 199 -33.49 -1.12 7.74
CA PHE D 199 -32.31 -0.31 7.49
C PHE D 199 -31.31 -1.10 6.64
N LEU D 200 -31.06 -2.34 7.01
CA LEU D 200 -30.14 -3.18 6.25
C LEU D 200 -30.66 -3.47 4.82
N ASP D 201 -31.95 -3.74 4.70
CA ASP D 201 -32.52 -4.00 3.39
C ASP D 201 -32.44 -2.79 2.48
N HIS D 202 -32.80 -1.64 3.01
CA HIS D 202 -32.77 -0.36 2.28
C HIS D 202 -31.39 0.18 1.93
N LEU D 203 -30.42 -0.10 2.80
CA LEU D 203 -29.08 0.45 2.63
C LEU D 203 -28.38 -0.02 1.36
N ARG D 204 -27.85 0.93 0.60
CA ARG D 204 -27.01 0.65 -0.56
C ARG D 204 -25.68 1.34 -0.33
N THR D 205 -24.58 0.66 -0.63
CA THR D 205 -23.26 1.26 -0.46
C THR D 205 -22.43 1.27 -1.73
N VAL D 206 -23.02 0.76 -2.81
CA VAL D 206 -22.37 0.66 -4.10
C VAL D 206 -23.32 1.21 -5.17
N GLN D 207 -22.79 1.99 -6.10
CA GLN D 207 -23.59 2.54 -7.19
C GLN D 207 -23.71 1.50 -8.29
N PHE D 208 -24.91 1.31 -8.82
CA PHE D 208 -25.08 0.36 -9.90
C PHE D 208 -25.78 1.01 -11.09
#